data_4QNE
#
_entry.id   4QNE
#
_cell.length_a   121.334
_cell.length_b   121.334
_cell.length_c   94.470
_cell.angle_alpha   90.00
_cell.angle_beta   90.00
_cell.angle_gamma   90.00
#
_symmetry.space_group_name_H-M   'P 4 21 2'
#
loop_
_entity.id
_entity.type
_entity.pdbx_description
1 polymer "Inosine 5'-monophosphate dehydrogenase"
2 non-polymer 'INOSINIC ACID'
3 non-polymer 'NICOTINAMIDE-ADENINE-DINUCLEOTIDE (ACIDIC FORM)'
4 non-polymer 'POTASSIUM ION'
5 water water
#
_entity_poly.entity_id   1
_entity_poly.type   'polypeptide(L)'
_entity_poly.pdbx_seq_one_letter_code
;SNAMHMLRIAKEALTFDDVLLVPAHSTVLPNTADLRTRLTKNIALNIPMVSASMDTVTEARLAIALAQEGGIGFIHKNMS
IEQQAAQVHQVKISGGLRVGAAVGAAPGNEERVKALVEAGVDVLLIDSSHGHSEGVLQRIRETRAAYPHLEIIGGNVATA
EGARALIEAGVSAVKVGIGPGSICTTRIVTGVGVPQITAIADAAGVANEYGIPVIADGGIRFSGDISKAIAAGASCVMVG
SMFAGTEEAPGEVILYQGRSYKAYRGMGSLGAMSKGSSDRYFQTDNAADKLVPEGIEGRIAYKGHLKEIIHQQMGGLRSC
MGLTGSATVEDLRTKAQFVRISGAGMKESHVHDVQITKEAPNYRLG
;
_entity_poly.pdbx_strand_id   A,B
#
loop_
_chem_comp.id
_chem_comp.type
_chem_comp.name
_chem_comp.formula
IMP non-polymer 'INOSINIC ACID' 'C10 H13 N4 O8 P'
K non-polymer 'POTASSIUM ION' 'K 1'
NAJ non-polymer 'NICOTINAMIDE-ADENINE-DINUCLEOTIDE (ACIDIC FORM)' 'C21 H27 N7 O14 P2'
#
# COMPACT_ATOMS: atom_id res chain seq x y z
N ARG A 8 40.08 2.46 31.97
CA ARG A 8 39.07 1.42 31.56
C ARG A 8 37.75 2.05 31.04
N ILE A 9 37.40 3.24 31.54
CA ILE A 9 36.21 3.92 31.08
C ILE A 9 36.62 5.04 30.17
N ALA A 10 36.40 4.80 28.88
CA ALA A 10 37.09 5.54 27.85
C ALA A 10 36.60 6.98 27.70
N LYS A 11 35.34 7.25 28.01
CA LYS A 11 34.72 8.52 27.62
C LYS A 11 33.26 8.30 27.34
N GLU A 12 32.56 9.40 27.09
CA GLU A 12 31.19 9.37 26.63
C GLU A 12 31.18 9.09 25.11
N ALA A 13 30.10 8.45 24.65
CA ALA A 13 29.85 8.23 23.23
C ALA A 13 28.38 8.46 22.88
N LEU A 14 28.20 8.86 21.65
CA LEU A 14 27.02 9.51 21.17
C LEU A 14 26.55 8.90 19.88
N THR A 15 25.23 8.91 19.71
CA THR A 15 24.63 8.52 18.44
C THR A 15 23.68 9.62 17.94
N PHE A 16 22.98 9.36 16.86
CA PHE A 16 22.18 10.39 16.18
C PHE A 16 21.30 11.27 17.04
N ASP A 17 20.56 10.63 17.94
CA ASP A 17 19.56 11.34 18.70
C ASP A 17 20.19 12.12 19.88
N ASP A 18 21.52 12.11 20.01
CA ASP A 18 22.25 12.91 21.00
C ASP A 18 22.75 14.24 20.43
N VAL A 19 22.66 14.43 19.11
CA VAL A 19 23.22 15.58 18.48
C VAL A 19 22.29 16.21 17.45
N LEU A 20 22.48 17.51 17.24
CA LEU A 20 21.91 18.20 16.08
C LEU A 20 23.01 18.93 15.38
N LEU A 21 22.75 19.22 14.09
CA LEU A 21 23.63 20.04 13.30
C LEU A 21 23.27 21.57 13.41
N VAL A 22 24.30 22.42 13.39
CA VAL A 22 24.14 23.86 13.47
C VAL A 22 23.96 24.48 12.09
N PRO A 23 22.83 25.19 11.90
CA PRO A 23 22.62 26.00 10.71
C PRO A 23 23.70 27.11 10.58
N ALA A 24 24.07 27.48 9.36
CA ALA A 24 25.19 28.43 9.07
C ALA A 24 24.87 29.24 7.83
N HIS A 25 25.65 30.28 7.64
CA HIS A 25 25.54 31.11 6.47
C HIS A 25 25.64 30.23 5.26
N SER A 26 24.79 30.45 4.28
CA SER A 26 24.68 29.54 3.14
C SER A 26 24.29 30.28 1.88
N THR A 27 24.98 29.94 0.81
CA THR A 27 24.58 30.36 -0.52
C THR A 27 24.23 29.08 -1.28
N VAL A 28 23.72 28.06 -0.59
CA VAL A 28 23.32 26.82 -1.25
C VAL A 28 21.85 26.72 -1.07
N LEU A 29 21.15 26.45 -2.16
CA LEU A 29 19.75 26.07 -2.13
C LEU A 29 19.67 24.54 -2.25
N PRO A 30 18.70 23.92 -1.60
CA PRO A 30 18.56 22.48 -1.64
C PRO A 30 18.74 21.88 -3.04
N ASN A 31 18.06 22.43 -4.04
CA ASN A 31 18.05 21.83 -5.37
C ASN A 31 19.35 22.04 -6.12
N THR A 32 20.28 22.82 -5.56
CA THR A 32 21.60 22.99 -6.15
C THR A 32 22.76 22.28 -5.47
N ALA A 33 22.47 21.62 -4.35
CA ALA A 33 23.50 20.87 -3.60
C ALA A 33 23.95 19.69 -4.44
N ASP A 34 25.24 19.37 -4.29
CA ASP A 34 25.88 18.37 -5.05
C ASP A 34 26.08 17.21 -4.09
N LEU A 35 25.44 16.08 -4.42
CA LEU A 35 25.40 14.88 -3.60
C LEU A 35 26.44 13.85 -3.96
N ARG A 36 27.31 14.15 -4.92
CA ARG A 36 28.37 13.20 -5.33
C ARG A 36 29.28 13.00 -4.17
N THR A 37 29.80 11.77 -4.05
CA THR A 37 30.70 11.40 -2.97
C THR A 37 31.55 10.19 -3.43
N ARG A 38 32.28 9.58 -2.50
CA ARG A 38 33.12 8.41 -2.72
C ARG A 38 32.62 7.29 -1.89
N LEU A 39 32.65 6.09 -2.48
CA LEU A 39 32.46 4.85 -1.75
C LEU A 39 33.79 4.24 -1.33
N THR A 40 34.72 4.21 -2.29
CA THR A 40 36.05 3.70 -2.03
C THR A 40 36.99 4.70 -2.60
N LYS A 41 38.28 4.52 -2.31
CA LYS A 41 39.27 5.41 -2.83
C LYS A 41 39.09 5.73 -4.32
N ASN A 42 38.69 4.75 -5.13
CA ASN A 42 38.57 4.95 -6.57
C ASN A 42 37.17 4.79 -7.14
N ILE A 43 36.16 4.58 -6.32
CA ILE A 43 34.78 4.46 -6.81
C ILE A 43 33.88 5.59 -6.28
N ALA A 44 33.34 6.36 -7.21
CA ALA A 44 32.48 7.49 -6.91
C ALA A 44 31.03 7.06 -6.92
N LEU A 45 30.19 7.78 -6.17
CA LEU A 45 28.75 7.57 -6.21
C LEU A 45 28.09 8.91 -6.51
N ASN A 46 26.87 8.88 -7.07
CA ASN A 46 26.14 10.17 -7.28
C ASN A 46 25.28 10.59 -6.12
N ILE A 47 25.00 9.64 -5.22
CA ILE A 47 24.42 9.89 -3.91
C ILE A 47 25.07 8.99 -2.87
N PRO A 48 25.00 9.38 -1.60
CA PRO A 48 25.80 8.68 -0.60
C PRO A 48 25.01 7.59 0.10
N MET A 49 24.55 6.61 -0.67
CA MET A 49 23.70 5.59 -0.14
C MET A 49 24.12 4.29 -0.77
N VAL A 50 24.32 3.27 0.06
CA VAL A 50 24.55 1.90 -0.40
C VAL A 50 23.60 0.96 0.36
N SER A 51 23.35 -0.23 -0.19
CA SER A 51 22.38 -1.09 0.42
C SER A 51 23.06 -2.22 1.13
N ALA A 52 22.47 -2.62 2.22
CA ALA A 52 23.05 -3.66 3.04
C ALA A 52 23.10 -5.03 2.33
N SER A 53 24.12 -5.82 2.65
CA SER A 53 24.23 -7.11 2.02
C SER A 53 23.42 -8.12 2.78
N MET A 54 22.11 -7.96 2.72
CA MET A 54 21.18 -8.78 3.49
C MET A 54 20.24 -9.52 2.55
N ASP A 55 19.90 -10.77 2.87
CA ASP A 55 18.96 -11.48 2.07
C ASP A 55 17.53 -10.92 2.05
N THR A 56 17.24 -9.92 2.85
CA THR A 56 15.95 -9.27 2.73
C THR A 56 16.07 -7.84 2.20
N VAL A 57 17.23 -7.53 1.59
CA VAL A 57 17.46 -6.19 1.14
C VAL A 57 18.00 -6.15 -0.30
N THR A 58 19.15 -6.77 -0.54
CA THR A 58 19.86 -6.65 -1.80
C THR A 58 20.16 -7.95 -2.55
N GLU A 59 19.38 -8.15 -3.62
CA GLU A 59 19.81 -8.96 -4.77
C GLU A 59 19.92 -8.06 -6.04
N ALA A 60 19.93 -8.61 -7.26
CA ALA A 60 20.24 -7.78 -8.44
C ALA A 60 19.18 -6.73 -8.68
N ARG A 61 17.94 -7.18 -8.53
CA ARG A 61 16.83 -6.29 -8.75
C ARG A 61 17.00 -5.02 -7.88
N LEU A 62 17.18 -5.12 -6.57
CA LEU A 62 17.39 -3.84 -5.83
C LEU A 62 18.70 -3.14 -6.24
N ALA A 63 19.79 -3.90 -6.45
CA ALA A 63 21.08 -3.29 -6.83
C ALA A 63 20.97 -2.41 -8.13
N ILE A 64 20.14 -2.85 -9.07
CA ILE A 64 19.90 -2.15 -10.33
C ILE A 64 19.18 -0.81 -10.10
N ALA A 65 18.12 -0.87 -9.34
CA ALA A 65 17.33 0.33 -9.04
C ALA A 65 18.17 1.32 -8.33
N LEU A 66 18.95 0.85 -7.40
CA LEU A 66 19.71 1.74 -6.56
C LEU A 66 20.84 2.36 -7.38
N ALA A 67 21.51 1.55 -8.20
CA ALA A 67 22.49 2.07 -9.14
C ALA A 67 21.90 3.04 -10.13
N GLN A 68 20.65 2.89 -10.51
CA GLN A 68 20.04 3.84 -11.45
C GLN A 68 19.85 5.20 -10.77
N GLU A 69 19.60 5.19 -9.46
CA GLU A 69 19.47 6.42 -8.71
C GLU A 69 20.82 7.02 -8.27
N GLY A 70 21.93 6.35 -8.56
CA GLY A 70 23.22 6.92 -8.22
C GLY A 70 23.91 6.26 -7.06
N GLY A 71 23.30 5.23 -6.43
CA GLY A 71 24.05 4.48 -5.41
C GLY A 71 24.60 3.15 -5.87
N ILE A 72 24.96 2.29 -4.93
CA ILE A 72 25.44 0.96 -5.27
CA ILE A 72 25.44 0.96 -5.27
C ILE A 72 24.88 -0.08 -4.30
N GLY A 73 24.44 -1.22 -4.83
CA GLY A 73 24.01 -2.37 -4.00
C GLY A 73 25.14 -3.39 -3.77
N PHE A 74 25.14 -4.00 -2.58
CA PHE A 74 25.99 -5.11 -2.26
C PHE A 74 25.21 -6.40 -2.21
N ILE A 75 25.43 -7.24 -3.21
CA ILE A 75 24.69 -8.48 -3.38
C ILE A 75 25.09 -9.43 -2.25
N HIS A 76 24.09 -9.94 -1.54
CA HIS A 76 24.31 -10.78 -0.34
C HIS A 76 24.87 -12.14 -0.72
N LYS A 77 25.47 -12.80 0.29
CA LYS A 77 26.14 -14.09 0.11
C LYS A 77 25.35 -15.32 0.49
N ASN A 78 24.11 -15.18 0.91
CA ASN A 78 23.26 -16.36 1.11
C ASN A 78 22.66 -16.96 -0.11
N MET A 79 23.52 -17.42 -1.01
CA MET A 79 23.11 -18.10 -2.23
C MET A 79 24.35 -18.77 -2.74
N SER A 80 24.20 -19.71 -3.66
CA SER A 80 25.36 -20.43 -4.20
C SER A 80 26.32 -19.43 -4.87
N ILE A 81 27.58 -19.81 -5.04
CA ILE A 81 28.57 -18.98 -5.73
C ILE A 81 28.05 -18.62 -7.13
N GLU A 82 27.50 -19.63 -7.81
CA GLU A 82 26.98 -19.48 -9.18
CA GLU A 82 26.98 -19.49 -9.17
C GLU A 82 25.90 -18.39 -9.25
N GLN A 83 24.97 -18.43 -8.28
CA GLN A 83 23.87 -17.48 -8.23
C GLN A 83 24.40 -16.13 -7.94
N GLN A 84 25.38 -16.04 -7.03
CA GLN A 84 25.95 -14.74 -6.69
C GLN A 84 26.56 -14.11 -7.89
N ALA A 85 27.29 -14.88 -8.66
CA ALA A 85 28.01 -14.29 -9.80
C ALA A 85 27.00 -13.87 -10.89
N ALA A 86 26.02 -14.72 -11.12
CA ALA A 86 24.94 -14.41 -12.06
C ALA A 86 24.20 -13.11 -11.68
N GLN A 87 23.99 -12.90 -10.39
CA GLN A 87 23.32 -11.65 -9.95
C GLN A 87 24.23 -10.46 -10.21
N VAL A 88 25.54 -10.58 -9.89
CA VAL A 88 26.52 -9.50 -10.25
C VAL A 88 26.49 -9.24 -11.76
N HIS A 89 26.68 -10.29 -12.54
CA HIS A 89 26.60 -10.16 -13.99
C HIS A 89 25.36 -9.39 -14.44
N GLN A 90 24.18 -9.76 -13.90
CA GLN A 90 22.91 -9.13 -14.31
C GLN A 90 22.90 -7.63 -14.10
N VAL A 91 23.50 -7.21 -12.99
CA VAL A 91 23.59 -5.80 -12.72
C VAL A 91 24.56 -5.18 -13.74
N LYS A 92 25.69 -5.84 -14.01
CA LYS A 92 26.65 -5.29 -15.01
C LYS A 92 26.03 -5.14 -16.42
N ILE A 93 25.35 -6.18 -16.86
CA ILE A 93 24.69 -6.08 -18.17
C ILE A 93 23.42 -5.27 -18.22
N SER A 94 23.06 -4.59 -17.13
CA SER A 94 21.93 -3.67 -17.17
C SER A 94 22.31 -2.16 -17.40
N GLY A 95 23.22 -1.86 -18.34
CA GLY A 95 23.62 -0.46 -18.62
C GLY A 95 24.99 -0.10 -18.08
N GLY A 96 25.84 -1.11 -17.92
CA GLY A 96 27.11 -0.95 -17.22
C GLY A 96 26.95 -0.29 -15.86
N LEU A 97 25.91 -0.66 -15.10
CA LEU A 97 25.75 -0.18 -13.71
C LEU A 97 26.81 -0.81 -12.75
N ARG A 98 27.27 -0.02 -11.77
CA ARG A 98 28.20 -0.47 -10.72
C ARG A 98 27.50 -1.43 -9.79
N VAL A 99 28.22 -2.45 -9.32
CA VAL A 99 27.65 -3.36 -8.35
C VAL A 99 28.70 -3.79 -7.42
N GLY A 100 28.26 -4.21 -6.23
CA GLY A 100 29.19 -4.74 -5.22
C GLY A 100 28.67 -6.08 -4.78
N ALA A 101 29.48 -6.78 -4.02
CA ALA A 101 29.14 -8.11 -3.53
C ALA A 101 29.90 -8.39 -2.27
N ALA A 102 29.21 -9.08 -1.37
CA ALA A 102 29.79 -9.46 -0.10
C ALA A 102 30.31 -10.89 -0.07
N VAL A 103 31.31 -11.12 0.75
CA VAL A 103 31.75 -12.47 1.06
C VAL A 103 32.08 -12.51 2.53
N GLY A 104 32.12 -13.72 3.05
CA GLY A 104 32.55 -13.97 4.43
C GLY A 104 34.03 -13.77 4.64
N ALA A 105 34.37 -13.50 5.88
CA ALA A 105 35.75 -13.35 6.27
C ALA A 105 36.25 -14.68 6.79
N ALA A 106 35.71 -15.79 6.29
CA ALA A 106 36.12 -17.13 6.75
C ALA A 106 36.95 -17.86 5.68
N PRO A 107 37.89 -18.73 6.12
CA PRO A 107 38.67 -19.46 5.12
C PRO A 107 37.77 -20.33 4.25
N GLY A 108 38.12 -20.54 3.00
CA GLY A 108 37.28 -21.32 2.11
C GLY A 108 36.63 -20.49 1.01
N ASN A 109 36.62 -19.16 1.19
CA ASN A 109 35.92 -18.20 0.33
C ASN A 109 36.61 -17.70 -0.95
N GLU A 110 37.75 -18.31 -1.29
CA GLU A 110 38.60 -17.85 -2.38
C GLU A 110 37.87 -18.06 -3.68
N GLU A 111 37.23 -19.20 -3.77
CA GLU A 111 36.40 -19.53 -4.90
C GLU A 111 35.37 -18.44 -5.19
N ARG A 112 34.61 -18.11 -4.16
CA ARG A 112 33.57 -17.13 -4.28
C ARG A 112 34.13 -15.78 -4.77
N VAL A 113 35.16 -15.28 -4.12
CA VAL A 113 35.79 -14.05 -4.55
C VAL A 113 36.20 -14.06 -6.05
N LYS A 114 36.82 -15.18 -6.47
CA LYS A 114 37.24 -15.33 -7.84
C LYS A 114 36.08 -15.22 -8.78
N ALA A 115 35.04 -16.01 -8.51
CA ALA A 115 33.86 -16.01 -9.38
C ALA A 115 33.22 -14.62 -9.47
N LEU A 116 33.28 -13.88 -8.36
CA LEU A 116 32.67 -12.58 -8.34
C LEU A 116 33.54 -11.58 -9.09
N VAL A 117 34.85 -11.67 -8.94
CA VAL A 117 35.76 -10.82 -9.73
C VAL A 117 35.61 -11.13 -11.22
N GLU A 118 35.65 -12.41 -11.56
CA GLU A 118 35.42 -12.80 -12.97
C GLU A 118 34.11 -12.27 -13.46
N ALA A 119 33.08 -12.24 -12.61
CA ALA A 119 31.78 -11.73 -13.05
C ALA A 119 31.72 -10.20 -13.23
N GLY A 120 32.82 -9.48 -12.98
CA GLY A 120 32.90 -8.05 -13.22
C GLY A 120 32.51 -7.18 -12.00
N VAL A 121 32.52 -7.77 -10.81
CA VAL A 121 32.18 -7.03 -9.62
C VAL A 121 33.11 -5.79 -9.48
N ASP A 122 32.52 -4.65 -9.11
CA ASP A 122 33.25 -3.41 -8.99
C ASP A 122 33.89 -3.25 -7.65
N VAL A 123 33.19 -3.73 -6.62
CA VAL A 123 33.72 -3.57 -5.29
C VAL A 123 33.42 -4.75 -4.42
N LEU A 124 34.46 -5.25 -3.80
CA LEU A 124 34.32 -6.46 -3.00
C LEU A 124 34.25 -6.09 -1.54
N LEU A 125 33.23 -6.58 -0.87
CA LEU A 125 33.00 -6.32 0.56
C LEU A 125 33.34 -7.56 1.37
N ILE A 126 34.30 -7.46 2.27
CA ILE A 126 34.54 -8.54 3.23
C ILE A 126 33.68 -8.19 4.44
N ASP A 127 32.45 -8.66 4.58
CA ASP A 127 31.68 -8.17 5.70
C ASP A 127 31.84 -9.17 6.81
N SER A 128 32.03 -8.65 8.01
CA SER A 128 32.25 -9.43 9.21
C SER A 128 31.61 -8.58 10.33
N SER A 129 31.26 -9.20 11.44
CA SER A 129 30.88 -8.48 12.60
C SER A 129 32.09 -8.06 13.40
N HIS A 130 33.29 -8.54 13.07
CA HIS A 130 34.43 -8.00 13.83
C HIS A 130 35.62 -7.73 12.94
N GLY A 131 35.61 -6.57 12.29
CA GLY A 131 36.66 -6.22 11.37
C GLY A 131 38.05 -6.17 11.96
N HIS A 132 38.13 -6.09 13.30
CA HIS A 132 39.40 -6.01 13.99
C HIS A 132 39.88 -7.42 14.45
N SER A 133 39.18 -8.51 14.08
CA SER A 133 39.68 -9.88 14.24
C SER A 133 40.89 -10.20 13.32
N GLU A 134 41.90 -10.87 13.85
CA GLU A 134 43.18 -11.04 13.15
C GLU A 134 42.87 -11.78 11.87
N GLY A 135 42.06 -12.83 12.05
CA GLY A 135 41.46 -13.60 11.00
C GLY A 135 40.92 -12.76 9.88
N VAL A 136 40.16 -11.73 10.20
CA VAL A 136 39.58 -10.91 9.19
C VAL A 136 40.66 -10.09 8.50
N LEU A 137 41.55 -9.51 9.29
CA LEU A 137 42.65 -8.77 8.71
C LEU A 137 43.48 -9.65 7.78
N GLN A 138 43.66 -10.93 8.11
CA GLN A 138 44.52 -11.80 7.32
C GLN A 138 43.90 -12.04 5.95
N ARG A 139 42.60 -12.21 5.94
CA ARG A 139 41.85 -12.46 4.71
C ARG A 139 41.76 -11.21 3.86
N ILE A 140 41.80 -10.03 4.47
CA ILE A 140 41.97 -8.78 3.72
C ILE A 140 43.35 -8.74 3.03
N ARG A 141 44.39 -9.12 3.76
CA ARG A 141 45.76 -9.08 3.24
C ARG A 141 45.96 -10.01 2.06
N GLU A 142 45.40 -11.20 2.17
CA GLU A 142 45.50 -12.19 1.12
C GLU A 142 44.70 -11.81 -0.11
N THR A 143 43.55 -11.18 0.13
CA THR A 143 42.72 -10.71 -0.96
C THR A 143 43.42 -9.57 -1.67
N ARG A 144 44.04 -8.66 -0.92
CA ARG A 144 44.82 -7.57 -1.53
C ARG A 144 45.96 -8.16 -2.41
N ALA A 145 46.77 -9.05 -1.85
CA ALA A 145 47.85 -9.69 -2.58
C ALA A 145 47.31 -10.39 -3.85
N ALA A 146 46.20 -11.12 -3.73
CA ALA A 146 45.67 -11.88 -4.90
C ALA A 146 45.05 -10.95 -5.94
N TYR A 147 44.42 -9.86 -5.50
CA TYR A 147 43.80 -8.90 -6.40
C TYR A 147 44.24 -7.45 -6.10
N PRO A 148 45.46 -7.06 -6.48
CA PRO A 148 45.99 -5.76 -6.03
C PRO A 148 45.25 -4.55 -6.53
N HIS A 149 44.47 -4.68 -7.61
CA HIS A 149 43.65 -3.56 -8.06
C HIS A 149 42.14 -3.64 -7.78
N LEU A 150 41.70 -4.59 -6.97
CA LEU A 150 40.29 -4.69 -6.58
C LEU A 150 39.94 -3.71 -5.44
N GLU A 151 38.97 -2.83 -5.64
CA GLU A 151 38.47 -2.01 -4.51
C GLU A 151 37.87 -2.96 -3.45
N ILE A 152 38.38 -2.90 -2.24
CA ILE A 152 37.91 -3.81 -1.20
C ILE A 152 37.36 -3.03 -0.04
N ILE A 153 36.13 -3.29 0.35
CA ILE A 153 35.62 -2.70 1.62
C ILE A 153 35.80 -3.70 2.76
N GLY A 154 36.37 -3.27 3.88
CA GLY A 154 36.42 -4.09 5.09
C GLY A 154 35.66 -3.49 6.26
N GLY A 155 35.25 -4.35 7.14
CA GLY A 155 34.84 -3.98 8.43
C GLY A 155 34.13 -5.20 9.02
N ASN A 156 33.23 -4.97 9.99
CA ASN A 156 32.91 -3.65 10.51
C ASN A 156 33.75 -3.34 11.72
N VAL A 157 34.11 -2.04 11.87
CA VAL A 157 34.78 -1.53 13.07
C VAL A 157 34.04 -0.36 13.71
N ALA A 158 34.43 -0.06 14.93
CA ALA A 158 33.84 1.06 15.69
C ALA A 158 34.88 1.94 16.39
N THR A 159 36.14 1.92 15.94
CA THR A 159 37.19 2.61 16.67
C THR A 159 38.28 3.12 15.73
N ALA A 160 39.01 4.09 16.24
CA ALA A 160 40.27 4.55 15.61
C ALA A 160 41.22 3.38 15.25
N GLU A 161 41.61 2.59 16.23
CA GLU A 161 42.59 1.55 15.98
C GLU A 161 42.04 0.51 14.99
N GLY A 162 40.73 0.17 15.07
CA GLY A 162 40.10 -0.73 14.10
C GLY A 162 40.17 -0.27 12.65
N ALA A 163 39.93 1.02 12.39
CA ALA A 163 40.13 1.64 11.07
C ALA A 163 41.58 1.56 10.55
N ARG A 164 42.51 1.86 11.43
CA ARG A 164 43.92 1.86 11.08
C ARG A 164 44.32 0.47 10.71
N ALA A 165 43.98 -0.50 11.55
CA ALA A 165 44.24 -1.89 11.22
C ALA A 165 43.63 -2.30 9.85
N LEU A 166 42.42 -1.88 9.56
CA LEU A 166 41.89 -2.17 8.22
C LEU A 166 42.66 -1.51 7.04
N ILE A 167 42.96 -0.23 7.18
CA ILE A 167 43.68 0.52 6.18
C ILE A 167 45.05 -0.13 5.95
N GLU A 168 45.77 -0.39 7.03
CA GLU A 168 47.08 -1.06 6.91
C GLU A 168 46.99 -2.50 6.36
N ALA A 169 45.86 -3.17 6.42
CA ALA A 169 45.75 -4.53 5.88
C ALA A 169 45.47 -4.50 4.36
N GLY A 170 45.15 -3.31 3.83
CA GLY A 170 44.89 -3.14 2.42
C GLY A 170 43.48 -2.73 1.96
N VAL A 171 42.56 -2.33 2.84
CA VAL A 171 41.21 -1.96 2.35
C VAL A 171 41.16 -0.60 1.61
N SER A 172 40.21 -0.51 0.71
CA SER A 172 39.94 0.70 -0.04
C SER A 172 38.90 1.59 0.66
N ALA A 173 38.17 1.03 1.63
CA ALA A 173 37.20 1.79 2.41
C ALA A 173 37.01 1.12 3.75
N VAL A 174 36.69 1.89 4.79
CA VAL A 174 36.39 1.32 6.10
C VAL A 174 34.86 1.37 6.40
N LYS A 175 34.27 0.24 6.77
CA LYS A 175 32.87 0.21 7.14
C LYS A 175 32.67 0.21 8.68
N VAL A 176 31.84 1.14 9.14
CA VAL A 176 31.65 1.39 10.57
C VAL A 176 30.27 1.05 11.12
N GLY A 177 30.27 0.33 12.25
CA GLY A 177 29.04 -0.08 12.88
C GLY A 177 29.13 -1.41 13.61
N ILE A 178 29.15 -1.38 14.94
CA ILE A 178 28.95 -2.59 15.67
C ILE A 178 27.75 -2.46 16.55
N GLY A 179 26.69 -3.17 16.19
CA GLY A 179 25.51 -3.24 17.00
C GLY A 179 24.36 -2.24 16.75
N PRO A 180 24.53 -1.20 15.90
CA PRO A 180 23.43 -0.20 15.76
C PRO A 180 22.23 -0.57 14.89
N GLY A 181 22.32 -1.64 14.12
CA GLY A 181 21.30 -1.95 13.14
C GLY A 181 19.95 -2.17 13.76
N SER A 182 18.93 -1.73 13.06
CA SER A 182 17.56 -1.89 13.54
C SER A 182 17.25 -3.28 14.12
N ILE A 183 17.81 -4.31 13.51
CA ILE A 183 17.52 -5.72 13.83
CA ILE A 183 17.47 -5.67 13.99
C ILE A 183 18.65 -6.40 14.57
N CYS A 184 19.72 -5.67 14.89
CA CYS A 184 20.89 -6.23 15.53
CA CYS A 184 20.87 -6.30 15.52
C CYS A 184 20.63 -6.37 17.02
N THR A 185 21.13 -7.40 17.66
CA THR A 185 21.09 -7.45 19.13
C THR A 185 22.45 -7.66 19.75
N THR A 186 23.52 -7.58 18.94
CA THR A 186 24.94 -7.73 19.39
C THR A 186 25.21 -6.99 20.64
N ARG A 187 24.78 -5.74 20.74
CA ARG A 187 25.20 -4.95 21.96
C ARG A 187 24.59 -5.44 23.25
N ILE A 188 23.43 -6.06 23.16
CA ILE A 188 22.71 -6.61 24.23
C ILE A 188 23.16 -8.03 24.62
N VAL A 189 23.42 -8.84 23.60
CA VAL A 189 23.80 -10.24 23.65
C VAL A 189 25.24 -10.41 24.13
N THR A 190 26.11 -9.51 23.67
CA THR A 190 27.52 -9.47 24.06
C THR A 190 27.98 -8.34 24.99
N GLY A 191 27.28 -7.21 24.99
CA GLY A 191 27.66 -6.06 25.82
C GLY A 191 28.67 -5.09 25.20
N VAL A 192 29.02 -5.33 23.94
CA VAL A 192 30.06 -4.66 23.20
C VAL A 192 29.48 -3.86 22.03
N GLY A 193 30.02 -2.66 21.81
CA GLY A 193 29.61 -1.84 20.71
C GLY A 193 29.91 -0.42 21.05
N VAL A 194 29.75 0.48 20.08
CA VAL A 194 30.03 1.88 20.29
C VAL A 194 28.93 2.64 19.56
N PRO A 195 28.33 3.64 20.20
CA PRO A 195 27.26 4.48 19.59
C PRO A 195 27.71 5.17 18.31
N GLN A 196 26.85 5.21 17.30
CA GLN A 196 27.29 5.31 15.91
C GLN A 196 27.96 6.63 15.53
N ILE A 197 27.64 7.70 16.19
CA ILE A 197 28.20 8.97 15.77
C ILE A 197 29.64 8.97 16.17
N THR A 198 29.92 8.58 17.41
CA THR A 198 31.26 8.51 17.97
C THR A 198 32.11 7.52 17.21
N ALA A 199 31.50 6.42 16.85
CA ALA A 199 32.16 5.40 16.06
C ALA A 199 32.55 5.92 14.67
N ILE A 200 31.66 6.62 13.98
CA ILE A 200 31.99 7.21 12.67
C ILE A 200 33.17 8.18 12.87
N ALA A 201 33.10 9.12 13.85
CA ALA A 201 34.15 10.13 13.97
C ALA A 201 35.46 9.52 14.32
N ASP A 202 35.51 8.54 15.19
CA ASP A 202 36.82 8.01 15.56
C ASP A 202 37.44 7.31 14.36
N ALA A 203 36.62 6.63 13.58
CA ALA A 203 37.12 5.91 12.44
C ALA A 203 37.55 6.86 11.37
N ALA A 204 36.75 7.86 11.07
CA ALA A 204 37.08 8.88 10.11
C ALA A 204 38.32 9.68 10.51
N GLY A 205 38.49 9.97 11.79
CA GLY A 205 39.68 10.71 12.27
C GLY A 205 40.96 10.08 11.70
N VAL A 206 41.10 8.77 11.86
CA VAL A 206 42.21 8.02 11.29
C VAL A 206 42.12 7.95 9.76
N ALA A 207 40.96 7.54 9.24
CA ALA A 207 40.85 7.28 7.79
C ALA A 207 41.02 8.50 6.91
N ASN A 208 40.70 9.66 7.44
CA ASN A 208 40.91 10.91 6.73
C ASN A 208 42.34 11.08 6.28
N GLU A 209 43.27 10.49 7.05
CA GLU A 209 44.71 10.66 6.85
C GLU A 209 45.23 9.77 5.73
N TYR A 210 44.60 8.65 5.49
CA TYR A 210 45.00 7.84 4.39
C TYR A 210 44.21 8.18 3.10
N GLY A 211 43.38 9.25 3.15
CA GLY A 211 42.36 9.49 2.10
C GLY A 211 41.41 8.31 1.86
N ILE A 212 41.06 7.59 2.92
CA ILE A 212 40.22 6.43 2.74
C ILE A 212 38.81 6.79 3.22
N PRO A 213 37.78 6.51 2.40
CA PRO A 213 36.40 6.80 2.85
C PRO A 213 35.85 5.89 3.91
N VAL A 214 34.87 6.38 4.65
CA VAL A 214 34.26 5.67 5.73
C VAL A 214 32.78 5.51 5.38
N ILE A 215 32.32 4.28 5.52
CA ILE A 215 30.93 3.94 5.30
C ILE A 215 30.24 3.74 6.61
N ALA A 216 29.20 4.52 6.86
CA ALA A 216 28.45 4.40 8.12
C ALA A 216 27.30 3.39 7.96
N ASP A 217 27.52 2.22 8.54
CA ASP A 217 26.57 1.09 8.37
C ASP A 217 25.75 0.83 9.61
N GLY A 218 24.48 1.21 9.60
CA GLY A 218 23.54 0.74 10.62
C GLY A 218 22.89 1.88 11.39
N GLY A 219 21.65 1.66 11.81
CA GLY A 219 20.99 2.63 12.70
C GLY A 219 20.44 3.90 12.06
N ILE A 220 20.50 3.99 10.73
CA ILE A 220 19.83 5.05 10.02
C ILE A 220 18.29 4.82 9.94
N ARG A 221 17.49 5.79 10.40
CA ARG A 221 16.02 5.66 10.49
C ARG A 221 15.31 6.78 9.71
N PHE A 222 15.89 7.97 9.77
CA PHE A 222 15.29 9.17 9.22
C PHE A 222 16.35 9.85 8.35
N SER A 223 15.93 10.75 7.50
CA SER A 223 16.90 11.35 6.57
C SER A 223 17.92 12.18 7.35
N GLY A 224 17.53 12.74 8.49
CA GLY A 224 18.43 13.49 9.32
C GLY A 224 19.56 12.68 9.89
N ASP A 225 19.39 11.37 10.00
CA ASP A 225 20.48 10.55 10.45
C ASP A 225 21.56 10.45 9.39
N ILE A 226 21.17 10.52 8.11
CA ILE A 226 22.10 10.50 7.01
C ILE A 226 23.00 11.74 7.05
N SER A 227 22.42 12.90 7.33
CA SER A 227 23.19 14.13 7.41
C SER A 227 24.14 14.09 8.55
N LYS A 228 23.63 13.62 9.71
CA LYS A 228 24.48 13.50 10.90
C LYS A 228 25.61 12.50 10.65
N ALA A 229 25.33 11.32 10.09
CA ALA A 229 26.40 10.33 9.82
C ALA A 229 27.51 10.93 8.95
N ILE A 230 27.11 11.62 7.89
CA ILE A 230 28.09 12.23 7.01
C ILE A 230 28.87 13.37 7.68
N ALA A 231 28.16 14.28 8.35
CA ALA A 231 28.85 15.34 9.13
C ALA A 231 29.85 14.80 10.17
N ALA A 232 29.61 13.59 10.73
CA ALA A 232 30.57 12.95 11.67
C ALA A 232 31.80 12.37 10.95
N GLY A 233 31.79 12.40 9.61
CA GLY A 233 32.96 12.00 8.84
C GLY A 233 32.78 10.95 7.79
N ALA A 234 31.56 10.41 7.64
CA ALA A 234 31.36 9.36 6.66
C ALA A 234 31.12 9.93 5.29
N SER A 235 31.58 9.19 4.29
CA SER A 235 31.42 9.54 2.89
C SER A 235 30.13 9.03 2.27
N CYS A 236 29.57 7.99 2.86
CA CYS A 236 28.21 7.59 2.58
C CYS A 236 27.70 6.72 3.71
N VAL A 237 26.45 6.24 3.60
CA VAL A 237 25.86 5.39 4.60
C VAL A 237 25.38 4.07 3.97
N MET A 238 25.33 3.05 4.76
CA MET A 238 24.81 1.79 4.30
C MET A 238 23.54 1.62 5.10
N VAL A 239 22.48 1.22 4.44
CA VAL A 239 21.20 1.11 5.06
C VAL A 239 20.52 -0.20 4.71
N GLY A 240 19.88 -0.73 5.75
CA GLY A 240 19.13 -1.97 5.70
C GLY A 240 17.65 -1.73 5.81
N SER A 241 17.11 -1.46 7.02
CA SER A 241 15.68 -1.30 7.19
C SER A 241 15.06 -0.23 6.30
N MET A 242 15.74 0.86 6.03
CA MET A 242 15.20 1.91 5.17
C MET A 242 14.86 1.40 3.75
N PHE A 243 15.54 0.36 3.24
CA PHE A 243 15.29 -0.12 1.91
C PHE A 243 14.51 -1.41 1.90
N ALA A 244 14.56 -2.10 3.03
CA ALA A 244 13.71 -3.26 3.25
C ALA A 244 12.30 -2.84 3.11
N GLY A 245 11.46 -3.71 2.63
CA GLY A 245 10.10 -3.30 2.40
C GLY A 245 9.88 -2.66 1.01
N THR A 246 10.91 -2.24 0.29
CA THR A 246 10.60 -1.66 -1.02
C THR A 246 10.18 -2.78 -1.96
N GLU A 247 9.49 -2.41 -3.00
CA GLU A 247 9.14 -3.32 -4.11
C GLU A 247 10.35 -4.10 -4.63
N GLU A 248 11.50 -3.44 -4.78
CA GLU A 248 12.68 -4.09 -5.37
C GLU A 248 13.49 -5.00 -4.39
N ALA A 249 13.28 -4.83 -3.07
CA ALA A 249 13.89 -5.69 -2.08
C ALA A 249 13.36 -7.08 -2.31
N PRO A 250 14.17 -8.09 -1.98
CA PRO A 250 13.71 -9.46 -2.13
C PRO A 250 12.53 -9.77 -1.26
N GLY A 251 11.66 -10.63 -1.75
CA GLY A 251 10.60 -11.19 -0.88
C GLY A 251 9.23 -10.76 -1.32
N GLU A 252 8.23 -11.53 -0.94
CA GLU A 252 6.84 -11.20 -1.26
C GLU A 252 6.25 -10.32 -0.21
N VAL A 253 5.23 -9.59 -0.61
CA VAL A 253 4.45 -8.82 0.31
C VAL A 253 3.64 -9.79 1.18
N ILE A 254 3.48 -9.43 2.45
CA ILE A 254 2.72 -10.18 3.43
C ILE A 254 1.67 -9.19 3.93
N LEU A 255 0.41 -9.60 4.05
CA LEU A 255 -0.67 -8.75 4.59
C LEU A 255 -0.91 -9.12 6.08
N TYR A 256 -0.84 -8.17 6.98
CA TYR A 256 -1.06 -8.43 8.40
C TYR A 256 -1.81 -7.28 9.03
N GLN A 257 -2.93 -7.63 9.66
CA GLN A 257 -3.78 -6.65 10.40
C GLN A 257 -4.05 -5.38 9.61
N GLY A 258 -4.51 -5.53 8.38
CA GLY A 258 -4.81 -4.40 7.54
C GLY A 258 -3.64 -3.74 6.81
N ARG A 259 -2.41 -4.20 7.04
CA ARG A 259 -1.23 -3.59 6.39
C ARG A 259 -0.40 -4.55 5.52
N SER A 260 0.50 -3.99 4.70
CA SER A 260 1.41 -4.80 3.90
C SER A 260 2.81 -4.59 4.40
N TYR A 261 3.60 -5.65 4.31
CA TYR A 261 4.91 -5.78 4.92
C TYR A 261 5.73 -6.66 4.00
N LYS A 262 7.05 -6.58 4.13
CA LYS A 262 7.97 -7.64 3.70
C LYS A 262 8.79 -8.04 4.91
N ALA A 263 9.38 -9.23 4.84
CA ALA A 263 10.20 -9.78 5.89
C ALA A 263 11.52 -9.02 5.91
N TYR A 264 12.00 -8.73 7.10
CA TYR A 264 13.31 -8.15 7.27
C TYR A 264 13.97 -8.93 8.43
N ARG A 265 15.22 -9.37 8.22
CA ARG A 265 15.91 -10.12 9.26
C ARG A 265 17.40 -9.90 9.30
N GLY A 266 17.97 -9.94 10.49
CA GLY A 266 19.43 -9.83 10.62
C GLY A 266 20.11 -11.00 9.99
N MET A 267 21.31 -10.76 9.52
CA MET A 267 22.10 -11.81 8.89
C MET A 267 22.73 -12.78 9.91
N GLY A 268 22.71 -12.43 11.19
CA GLY A 268 23.04 -13.39 12.29
C GLY A 268 21.81 -13.88 13.07
N SER A 269 20.62 -13.80 12.46
CA SER A 269 19.41 -14.38 13.06
C SER A 269 19.36 -15.87 12.74
N LEU A 270 18.69 -16.68 13.57
CA LEU A 270 18.50 -18.12 13.30
C LEU A 270 18.05 -18.46 11.86
N GLY A 271 16.97 -17.88 11.40
CA GLY A 271 16.52 -18.09 10.02
C GLY A 271 17.60 -17.81 8.96
N ALA A 272 18.34 -16.72 9.11
CA ALA A 272 19.44 -16.45 8.19
C ALA A 272 20.58 -17.47 8.27
N MET A 273 21.12 -17.70 9.48
CA MET A 273 22.28 -18.59 9.70
C MET A 273 22.03 -20.03 9.15
N SER A 274 20.78 -20.50 9.19
CA SER A 274 20.37 -21.86 8.72
C SER A 274 21.47 -22.83 8.24
N LEU A 291 26.89 -20.76 19.28
CA LEU A 291 25.61 -21.20 18.69
C LEU A 291 24.49 -20.15 18.84
N VAL A 292 24.84 -18.90 19.11
CA VAL A 292 23.80 -17.96 19.49
C VAL A 292 23.65 -16.78 18.53
N PRO A 293 22.39 -16.34 18.29
CA PRO A 293 22.11 -15.31 17.26
C PRO A 293 22.34 -13.92 17.80
N GLU A 294 22.73 -13.06 16.90
CA GLU A 294 22.95 -11.63 17.23
C GLU A 294 22.03 -10.77 16.40
N GLY A 295 20.96 -11.41 15.87
CA GLY A 295 19.85 -10.69 15.25
C GLY A 295 18.51 -11.40 15.33
N ILE A 296 17.46 -10.66 15.01
CA ILE A 296 16.17 -11.24 14.97
C ILE A 296 15.55 -11.13 13.59
N GLU A 297 14.32 -11.60 13.52
CA GLU A 297 13.56 -11.54 12.31
CA GLU A 297 13.56 -11.55 12.30
C GLU A 297 12.35 -10.66 12.57
N GLY A 298 11.99 -9.83 11.60
CA GLY A 298 10.83 -9.02 11.76
C GLY A 298 10.17 -8.73 10.43
N ARG A 299 9.32 -7.68 10.40
CA ARG A 299 8.61 -7.29 9.21
C ARG A 299 8.77 -5.79 9.08
N ILE A 300 8.84 -5.29 7.85
CA ILE A 300 8.95 -3.87 7.60
C ILE A 300 7.81 -3.53 6.65
N ALA A 301 7.19 -2.39 6.86
CA ALA A 301 6.12 -1.84 6.02
C ALA A 301 6.54 -1.75 4.57
N TYR A 302 5.64 -2.21 3.67
CA TYR A 302 5.79 -2.05 2.25
C TYR A 302 5.83 -0.55 1.93
N LYS A 303 6.76 -0.15 1.08
CA LYS A 303 7.00 1.28 0.86
C LYS A 303 6.97 1.67 -0.61
N GLY A 304 6.60 0.77 -1.50
CA GLY A 304 6.56 1.13 -2.91
C GLY A 304 7.96 1.10 -3.52
N HIS A 305 8.12 1.79 -4.64
CA HIS A 305 9.39 1.85 -5.36
C HIS A 305 10.50 2.52 -4.59
N LEU A 306 11.64 1.85 -4.60
CA LEU A 306 12.81 2.37 -3.97
C LEU A 306 13.07 3.84 -4.33
N LYS A 307 12.83 4.16 -5.60
CA LYS A 307 13.13 5.43 -6.19
C LYS A 307 12.47 6.53 -5.42
N GLU A 308 11.24 6.29 -5.01
CA GLU A 308 10.49 7.30 -4.26
CA GLU A 308 10.52 7.34 -4.26
C GLU A 308 11.09 7.48 -2.86
N ILE A 309 11.61 6.39 -2.30
CA ILE A 309 12.25 6.47 -0.99
C ILE A 309 13.54 7.27 -1.12
N ILE A 310 14.35 6.95 -2.10
CA ILE A 310 15.58 7.72 -2.29
C ILE A 310 15.28 9.21 -2.46
N HIS A 311 14.26 9.56 -3.23
CA HIS A 311 13.95 10.95 -3.45
CA HIS A 311 14.05 10.98 -3.46
C HIS A 311 13.61 11.63 -2.12
N GLN A 312 12.81 10.93 -1.31
CA GLN A 312 12.49 11.46 0.04
C GLN A 312 13.71 11.67 0.95
N GLN A 313 14.57 10.68 0.96
CA GLN A 313 15.72 10.70 1.84
C GLN A 313 16.72 11.74 1.34
N MET A 314 16.94 11.82 0.04
CA MET A 314 17.90 12.80 -0.50
C MET A 314 17.28 14.18 -0.42
N GLY A 315 15.98 14.26 -0.42
CA GLY A 315 15.34 15.53 -0.23
C GLY A 315 15.75 16.12 1.11
N GLY A 316 15.78 15.31 2.15
CA GLY A 316 16.08 15.83 3.47
C GLY A 316 17.51 16.25 3.58
N LEU A 317 18.39 15.43 3.02
CA LEU A 317 19.82 15.74 2.95
C LEU A 317 20.16 17.05 2.20
N ARG A 318 19.66 17.21 0.98
CA ARG A 318 19.75 18.47 0.24
C ARG A 318 19.32 19.64 1.13
N SER A 319 18.21 19.48 1.81
CA SER A 319 17.75 20.55 2.67
C SER A 319 18.73 20.87 3.83
N CYS A 320 19.25 19.84 4.45
CA CYS A 320 20.35 20.04 5.39
C CYS A 320 21.56 20.82 4.83
N MET A 321 21.92 20.46 3.62
CA MET A 321 23.06 21.05 2.98
C MET A 321 22.79 22.53 2.69
N GLY A 322 21.52 22.89 2.42
CA GLY A 322 21.14 24.28 2.33
C GLY A 322 21.24 24.96 3.70
N LEU A 323 20.73 24.30 4.75
CA LEU A 323 20.73 24.89 6.09
C LEU A 323 22.16 25.03 6.68
N THR A 324 23.13 24.20 6.30
CA THR A 324 24.52 24.29 6.80
C THR A 324 25.50 25.01 5.84
N GLY A 325 24.98 25.44 4.72
CA GLY A 325 25.84 26.08 3.71
C GLY A 325 26.88 25.11 3.21
N SER A 326 26.47 23.86 3.03
CA SER A 326 27.34 22.84 2.50
C SER A 326 27.08 22.66 1.02
N ALA A 327 28.06 23.00 0.19
CA ALA A 327 27.89 22.94 -1.24
C ALA A 327 28.02 21.50 -1.72
N THR A 328 28.87 20.74 -1.06
CA THR A 328 29.23 19.42 -1.47
C THR A 328 29.10 18.53 -0.27
N VAL A 329 29.02 17.25 -0.51
CA VAL A 329 29.10 16.32 0.59
C VAL A 329 30.36 16.54 1.42
N GLU A 330 31.46 16.78 0.76
CA GLU A 330 32.72 17.12 1.45
C GLU A 330 32.63 18.27 2.43
N ASP A 331 31.98 19.35 2.03
CA ASP A 331 31.71 20.44 2.99
C ASP A 331 30.92 19.98 4.25
N LEU A 332 29.88 19.16 4.07
CA LEU A 332 29.10 18.63 5.18
C LEU A 332 29.98 17.73 6.05
N ARG A 333 30.73 16.87 5.40
CA ARG A 333 31.55 15.86 6.06
C ARG A 333 32.70 16.45 6.90
N THR A 334 33.21 17.62 6.54
CA THR A 334 34.45 18.17 7.11
C THR A 334 34.28 19.47 7.84
N LYS A 335 33.26 20.25 7.52
CA LYS A 335 33.08 21.56 8.14
C LYS A 335 31.83 21.84 8.95
N ALA A 336 30.82 20.95 8.92
CA ALA A 336 29.56 21.19 9.68
C ALA A 336 29.75 21.02 11.19
N GLN A 337 28.98 21.76 11.96
CA GLN A 337 29.03 21.66 13.44
C GLN A 337 27.80 20.97 14.03
N PHE A 338 28.02 20.37 15.19
CA PHE A 338 27.00 19.75 16.00
C PHE A 338 26.90 20.47 17.33
N VAL A 339 25.75 20.30 17.97
CA VAL A 339 25.56 20.55 19.39
C VAL A 339 25.01 19.25 20.01
N ARG A 340 25.27 19.06 21.29
CA ARG A 340 24.76 17.99 22.03
C ARG A 340 23.41 18.38 22.52
N ILE A 341 22.48 17.43 22.54
CA ILE A 341 21.15 17.74 23.04
C ILE A 341 20.75 16.77 24.11
N SER A 342 19.74 17.08 24.91
CA SER A 342 19.18 16.08 25.88
C SER A 342 17.93 15.38 25.32
N GLY A 343 17.39 14.47 26.10
CA GLY A 343 16.06 13.92 25.88
C GLY A 343 14.97 14.95 25.61
N ALA A 344 14.98 16.06 26.33
CA ALA A 344 14.00 17.10 26.05
C ALA A 344 14.21 17.72 24.69
N GLY A 345 15.46 18.00 24.35
CA GLY A 345 15.82 18.48 23.00
C GLY A 345 15.29 17.60 21.85
N MET A 346 15.35 16.29 22.03
CA MET A 346 14.92 15.37 21.05
C MET A 346 13.42 15.35 20.96
N LYS A 347 12.71 15.43 22.08
CA LYS A 347 11.24 15.50 22.02
C LYS A 347 10.71 16.76 21.38
N GLU A 348 11.44 17.83 21.58
CA GLU A 348 11.10 19.09 20.94
C GLU A 348 11.32 18.92 19.44
N SER A 349 12.32 18.15 19.04
CA SER A 349 12.62 17.98 17.63
C SER A 349 11.54 17.20 16.84
N HIS A 350 11.03 16.15 17.40
CA HIS A 350 9.92 15.44 16.75
C HIS A 350 8.70 16.33 16.86
N VAL A 351 7.66 15.86 16.23
CA VAL A 351 6.38 16.51 16.37
C VAL A 351 5.93 16.28 17.84
N HIS A 352 5.22 17.22 18.44
CA HIS A 352 4.90 17.13 19.84
C HIS A 352 3.66 17.97 20.11
N ASP A 353 2.91 17.54 21.08
CA ASP A 353 1.76 18.28 21.53
C ASP A 353 0.59 18.38 20.50
N VAL A 354 0.64 17.62 19.43
CA VAL A 354 -0.39 17.74 18.42
C VAL A 354 -0.77 16.36 17.92
N GLN A 355 -2.06 16.15 17.64
CA GLN A 355 -2.50 14.87 17.09
C GLN A 355 -2.42 14.90 15.59
N ILE A 356 -1.55 14.03 15.12
CA ILE A 356 -1.29 14.00 13.72
C ILE A 356 -2.45 13.30 13.01
N THR A 357 -2.88 13.87 11.91
CA THR A 357 -3.92 13.30 11.07
C THR A 357 -3.44 12.93 9.66
N LYS A 358 -2.36 13.53 9.21
CA LYS A 358 -1.81 13.28 7.89
C LYS A 358 -0.30 13.24 7.95
N GLU A 359 0.29 12.05 7.96
CA GLU A 359 1.72 11.92 7.95
C GLU A 359 2.27 12.34 6.60
N ALA A 360 3.57 12.48 6.57
CA ALA A 360 4.29 12.85 5.37
C ALA A 360 5.08 11.59 4.98
N PRO A 361 5.45 11.45 3.70
CA PRO A 361 6.22 10.23 3.35
C PRO A 361 7.60 10.15 3.99
N ASN A 362 8.18 11.26 4.48
CA ASN A 362 9.52 11.20 5.15
C ASN A 362 9.40 11.25 6.69
N TYR A 363 8.17 11.17 7.20
CA TYR A 363 7.97 11.20 8.64
C TYR A 363 6.73 10.44 9.02
N ARG A 364 6.92 9.19 9.43
CA ARG A 364 5.77 8.33 9.74
C ARG A 364 6.01 7.18 10.71
N LEU A 365 4.93 6.69 11.34
CA LEU A 365 4.98 5.39 12.12
C LEU A 365 5.49 4.26 11.24
N ARG B 8 -48.82 -3.38 15.14
CA ARG B 8 -48.07 -2.90 13.93
C ARG B 8 -46.57 -3.30 13.96
N ILE B 9 -46.32 -4.55 14.35
CA ILE B 9 -44.99 -5.09 14.34
C ILE B 9 -45.04 -6.34 13.50
N ALA B 10 -45.21 -6.11 12.21
CA ALA B 10 -45.12 -7.15 11.23
C ALA B 10 -43.66 -7.63 11.22
N LYS B 11 -43.44 -8.78 11.86
CA LYS B 11 -42.45 -9.76 11.40
C LYS B 11 -41.03 -9.44 11.79
N GLU B 12 -40.20 -10.46 11.70
CA GLU B 12 -38.79 -10.39 11.97
C GLU B 12 -38.16 -10.13 10.65
N ALA B 13 -36.98 -9.52 10.68
CA ALA B 13 -36.31 -9.18 9.46
C ALA B 13 -34.83 -9.36 9.67
N LEU B 14 -34.12 -9.67 8.58
CA LEU B 14 -32.80 -10.28 8.58
C LEU B 14 -31.83 -9.64 7.61
N THR B 15 -30.54 -9.72 7.95
CA THR B 15 -29.55 -9.40 6.96
C THR B 15 -28.51 -10.47 6.91
N PHE B 16 -27.42 -10.12 6.27
CA PHE B 16 -26.42 -11.08 5.86
C PHE B 16 -25.93 -12.00 6.94
N ASP B 17 -25.58 -11.43 8.10
CA ASP B 17 -24.98 -12.19 9.17
C ASP B 17 -26.04 -13.05 9.90
N ASP B 18 -27.30 -12.94 9.50
CA ASP B 18 -28.35 -13.82 9.95
C ASP B 18 -28.47 -15.12 9.18
N VAL B 19 -27.82 -15.25 8.00
CA VAL B 19 -28.08 -16.40 7.16
C VAL B 19 -26.85 -17.01 6.54
N LEU B 20 -27.00 -18.27 6.18
CA LEU B 20 -25.99 -18.92 5.37
C LEU B 20 -26.72 -19.64 4.25
N LEU B 21 -26.01 -19.86 3.17
CA LEU B 21 -26.51 -20.53 2.02
C LEU B 21 -26.16 -22.00 2.16
N VAL B 22 -27.08 -22.85 1.65
CA VAL B 22 -26.98 -24.29 1.73
C VAL B 22 -26.29 -24.88 0.53
N PRO B 23 -25.14 -25.54 0.75
CA PRO B 23 -24.49 -26.29 -0.28
C PRO B 23 -25.39 -27.38 -0.87
N ALA B 24 -25.30 -27.57 -2.20
CA ALA B 24 -26.19 -28.51 -2.91
C ALA B 24 -25.40 -29.30 -3.92
N HIS B 25 -26.03 -30.36 -4.39
CA HIS B 25 -25.53 -31.10 -5.54
C HIS B 25 -25.04 -30.15 -6.66
N SER B 26 -23.87 -30.40 -7.18
CA SER B 26 -23.36 -29.49 -8.18
C SER B 26 -22.57 -30.18 -9.29
N THR B 27 -22.86 -29.74 -10.51
CA THR B 27 -21.99 -30.02 -11.64
C THR B 27 -21.33 -28.71 -12.09
N VAL B 28 -21.23 -27.72 -11.22
CA VAL B 28 -20.66 -26.41 -11.58
C VAL B 28 -19.31 -26.25 -10.95
N LEU B 29 -18.38 -25.64 -11.68
CA LEU B 29 -17.08 -25.34 -11.11
C LEU B 29 -16.93 -23.82 -11.02
N PRO B 30 -16.15 -23.33 -10.06
CA PRO B 30 -15.93 -21.90 -9.95
C PRO B 30 -15.61 -21.25 -11.30
N ASN B 31 -14.67 -21.84 -12.03
CA ASN B 31 -14.26 -21.31 -13.30
C ASN B 31 -15.28 -21.54 -14.43
N THR B 32 -16.32 -22.35 -14.26
CA THR B 32 -17.30 -22.45 -15.37
C THR B 32 -18.59 -21.73 -15.06
N ALA B 33 -18.68 -21.21 -13.85
CA ALA B 33 -19.81 -20.34 -13.46
C ALA B 33 -20.00 -19.20 -14.47
N ASP B 34 -21.26 -18.92 -14.79
CA ASP B 34 -21.61 -17.87 -15.74
C ASP B 34 -22.06 -16.68 -14.90
N LEU B 35 -21.32 -15.55 -14.94
CA LEU B 35 -21.60 -14.42 -14.08
C LEU B 35 -22.47 -13.37 -14.69
N ARG B 36 -23.02 -13.62 -15.84
CA ARG B 36 -23.74 -12.56 -16.48
C ARG B 36 -25.06 -12.36 -15.80
N THR B 37 -25.59 -11.14 -15.85
CA THR B 37 -26.86 -10.83 -15.23
C THR B 37 -27.47 -9.54 -15.82
N ARG B 38 -28.56 -9.06 -15.23
CA ARG B 38 -29.22 -7.81 -15.67
C ARG B 38 -29.10 -6.69 -14.62
N LEU B 39 -28.83 -5.49 -15.10
CA LEU B 39 -28.92 -4.26 -14.31
C LEU B 39 -30.29 -3.63 -14.43
N THR B 40 -30.80 -3.68 -15.64
CA THR B 40 -32.13 -3.21 -15.93
C THR B 40 -32.80 -4.18 -16.85
N LYS B 41 -34.08 -3.97 -17.00
CA LYS B 41 -34.85 -4.63 -18.02
C LYS B 41 -34.07 -4.85 -19.34
N ASN B 42 -33.38 -3.83 -19.89
CA ASN B 42 -32.68 -3.96 -21.18
C ASN B 42 -31.20 -3.64 -21.19
N ILE B 43 -30.55 -3.79 -20.04
CA ILE B 43 -29.10 -3.66 -19.95
C ILE B 43 -28.57 -4.88 -19.22
N ALA B 44 -27.67 -5.62 -19.87
CA ALA B 44 -27.04 -6.76 -19.25
C ALA B 44 -25.72 -6.34 -18.65
N LEU B 45 -25.16 -7.19 -17.78
CA LEU B 45 -23.78 -7.03 -17.33
C LEU B 45 -23.06 -8.36 -17.35
N ASN B 46 -21.76 -8.30 -17.54
CA ASN B 46 -20.95 -9.52 -17.45
C ASN B 46 -20.66 -9.96 -16.02
N ILE B 47 -20.72 -9.02 -15.09
CA ILE B 47 -20.66 -9.32 -13.68
C ILE B 47 -21.65 -8.53 -12.84
N PRO B 48 -22.06 -9.09 -11.72
CA PRO B 48 -23.14 -8.49 -11.01
C PRO B 48 -22.73 -7.41 -10.01
N MET B 49 -22.08 -6.37 -10.47
CA MET B 49 -21.57 -5.38 -9.54
C MET B 49 -21.69 -4.01 -10.11
N VAL B 50 -22.28 -3.08 -9.38
CA VAL B 50 -22.19 -1.67 -9.77
C VAL B 50 -21.66 -0.79 -8.67
N SER B 51 -21.07 0.34 -9.08
CA SER B 51 -20.52 1.32 -8.16
C SER B 51 -21.52 2.37 -7.74
N ALA B 52 -21.39 2.75 -6.46
CA ALA B 52 -22.25 3.72 -5.80
C ALA B 52 -22.00 5.13 -6.33
N SER B 53 -23.04 5.93 -6.34
CA SER B 53 -22.95 7.23 -6.98
C SER B 53 -22.58 8.23 -5.91
N MET B 54 -21.32 8.16 -5.52
CA MET B 54 -20.77 8.91 -4.40
C MET B 54 -19.52 9.60 -4.86
N ASP B 55 -19.27 10.80 -4.31
CA ASP B 55 -18.10 11.57 -4.74
C ASP B 55 -16.82 11.08 -4.15
N THR B 56 -16.90 10.01 -3.36
CA THR B 56 -15.66 9.37 -2.97
C THR B 56 -15.61 8.00 -3.59
N VAL B 57 -16.48 7.70 -4.53
CA VAL B 57 -16.44 6.36 -5.15
C VAL B 57 -16.30 6.40 -6.67
N THR B 58 -17.23 7.06 -7.35
CA THR B 58 -17.32 6.95 -8.81
C THR B 58 -17.21 8.27 -9.51
N GLU B 59 -16.11 8.42 -10.23
CA GLU B 59 -16.00 9.39 -11.32
C GLU B 59 -15.59 8.61 -12.57
N ALA B 60 -15.21 9.29 -13.66
CA ALA B 60 -15.11 8.60 -14.95
C ALA B 60 -14.04 7.51 -14.88
N ARG B 61 -12.93 7.80 -14.22
CA ARG B 61 -11.86 6.86 -14.09
C ARG B 61 -12.28 5.52 -13.43
N LEU B 62 -12.94 5.56 -12.29
CA LEU B 62 -13.38 4.26 -11.78
C LEU B 62 -14.49 3.67 -12.68
N ALA B 63 -15.35 4.50 -13.27
CA ALA B 63 -16.39 4.03 -14.21
C ALA B 63 -15.81 3.19 -15.39
N ILE B 64 -14.68 3.65 -15.88
CA ILE B 64 -14.00 2.98 -16.97
C ILE B 64 -13.51 1.64 -16.52
N ALA B 65 -12.76 1.62 -15.40
CA ALA B 65 -12.19 0.33 -14.93
C ALA B 65 -13.26 -0.70 -14.65
N LEU B 66 -14.37 -0.22 -14.12
CA LEU B 66 -15.40 -1.13 -13.66
C LEU B 66 -16.08 -1.70 -14.92
N ALA B 67 -16.22 -0.88 -15.96
CA ALA B 67 -16.84 -1.29 -17.24
C ALA B 67 -15.97 -2.31 -17.90
N GLN B 68 -14.67 -2.08 -17.82
CA GLN B 68 -13.73 -2.97 -18.47
C GLN B 68 -13.90 -4.36 -17.91
N GLU B 69 -14.24 -4.45 -16.63
CA GLU B 69 -14.33 -5.70 -15.90
C GLU B 69 -15.71 -6.33 -15.96
N GLY B 70 -16.67 -5.62 -16.48
CA GLY B 70 -17.99 -6.20 -16.69
C GLY B 70 -19.12 -5.57 -15.92
N GLY B 71 -18.86 -4.41 -15.33
CA GLY B 71 -19.82 -3.81 -14.42
C GLY B 71 -20.16 -2.48 -14.99
N ILE B 72 -20.86 -1.67 -14.22
CA ILE B 72 -21.06 -0.29 -14.65
C ILE B 72 -21.05 0.62 -13.45
N GLY B 73 -20.45 1.80 -13.65
CA GLY B 73 -20.44 2.82 -12.66
C GLY B 73 -21.46 3.92 -12.86
N PHE B 74 -21.90 4.48 -11.73
CA PHE B 74 -22.81 5.62 -11.71
C PHE B 74 -22.12 6.91 -11.26
N ILE B 75 -21.97 7.80 -12.22
CA ILE B 75 -21.30 9.06 -12.05
C ILE B 75 -22.09 9.92 -11.07
N HIS B 76 -21.43 10.36 -10.00
CA HIS B 76 -22.14 11.11 -8.93
C HIS B 76 -22.54 12.50 -9.40
N LYS B 77 -23.55 13.08 -8.76
CA LYS B 77 -24.05 14.38 -9.17
C LYS B 77 -23.47 15.60 -8.47
N ASN B 78 -22.46 15.41 -7.62
CA ASN B 78 -21.87 16.51 -6.87
C ASN B 78 -20.87 17.24 -7.75
N MET B 79 -21.40 17.87 -8.79
CA MET B 79 -20.60 18.54 -9.79
C MET B 79 -21.53 19.23 -10.76
N SER B 80 -21.00 20.22 -11.45
CA SER B 80 -21.74 20.96 -12.43
C SER B 80 -22.30 20.04 -13.49
N ILE B 81 -23.40 20.50 -14.07
CA ILE B 81 -24.06 19.77 -15.12
C ILE B 81 -23.08 19.46 -16.25
N GLU B 82 -22.26 20.46 -16.61
CA GLU B 82 -21.31 20.31 -17.70
CA GLU B 82 -21.31 20.33 -17.69
C GLU B 82 -20.23 19.30 -17.31
N GLN B 83 -19.73 19.40 -16.06
CA GLN B 83 -18.75 18.44 -15.53
C GLN B 83 -19.30 17.03 -15.60
N GLN B 84 -20.54 16.87 -15.14
CA GLN B 84 -21.13 15.54 -15.17
C GLN B 84 -21.26 14.98 -16.57
N ALA B 85 -21.41 15.87 -17.56
CA ALA B 85 -21.65 15.45 -18.94
C ALA B 85 -20.37 14.94 -19.60
N ALA B 86 -19.33 15.75 -19.44
CA ALA B 86 -17.96 15.45 -19.87
C ALA B 86 -17.51 14.11 -19.28
N GLN B 87 -17.92 13.85 -18.03
CA GLN B 87 -17.64 12.56 -17.37
C GLN B 87 -18.32 11.39 -18.08
N VAL B 88 -19.63 11.51 -18.27
CA VAL B 88 -20.36 10.49 -19.02
C VAL B 88 -19.71 10.30 -20.40
N HIS B 89 -19.50 11.39 -21.16
CA HIS B 89 -18.94 11.31 -22.54
C HIS B 89 -17.57 10.65 -22.48
N GLN B 90 -16.74 11.04 -21.49
CA GLN B 90 -15.42 10.44 -21.31
C GLN B 90 -15.44 8.91 -21.18
N VAL B 91 -16.39 8.37 -20.44
CA VAL B 91 -16.51 6.92 -20.39
C VAL B 91 -17.04 6.35 -21.71
N LYS B 92 -18.00 7.04 -22.31
CA LYS B 92 -18.59 6.56 -23.57
C LYS B 92 -17.53 6.38 -24.65
N ILE B 93 -16.57 7.28 -24.69
CA ILE B 93 -15.56 7.19 -25.74
C ILE B 93 -14.35 6.30 -25.39
N SER B 94 -14.39 5.60 -24.25
CA SER B 94 -13.25 4.80 -23.81
C SER B 94 -13.36 3.28 -24.08
N GLY B 95 -13.56 2.90 -25.33
CA GLY B 95 -13.51 1.48 -25.65
C GLY B 95 -14.88 0.86 -25.81
N GLY B 96 -15.88 1.73 -26.03
CA GLY B 96 -17.25 1.30 -26.25
C GLY B 96 -18.02 0.97 -24.99
N LEU B 97 -17.75 1.67 -23.90
CA LEU B 97 -18.18 1.24 -22.53
C LEU B 97 -19.52 1.80 -22.05
N ARG B 98 -20.28 0.98 -21.36
CA ARG B 98 -21.52 1.42 -20.73
C ARG B 98 -21.27 2.36 -19.52
N VAL B 99 -22.20 3.28 -19.26
CA VAL B 99 -22.05 4.16 -18.10
C VAL B 99 -23.39 4.69 -17.61
N GLY B 100 -23.46 4.96 -16.31
CA GLY B 100 -24.65 5.55 -15.70
C GLY B 100 -24.32 6.88 -15.06
N ALA B 101 -25.37 7.61 -14.73
CA ALA B 101 -25.20 8.83 -13.95
C ALA B 101 -26.43 9.06 -13.09
N ALA B 102 -26.17 9.64 -11.92
CA ALA B 102 -27.20 9.90 -10.94
C ALA B 102 -27.64 11.37 -10.99
N VAL B 103 -28.93 11.58 -10.78
CA VAL B 103 -29.55 12.89 -10.57
C VAL B 103 -30.48 12.83 -9.35
N GLY B 104 -30.85 14.00 -8.86
CA GLY B 104 -31.78 14.12 -7.77
C GLY B 104 -33.23 14.05 -8.22
N ALA B 105 -34.09 13.91 -7.22
CA ALA B 105 -35.48 13.90 -7.44
C ALA B 105 -35.99 15.28 -7.08
N ALA B 106 -35.07 16.14 -6.69
CA ALA B 106 -35.39 17.53 -6.52
C ALA B 106 -35.97 18.03 -7.84
N PRO B 107 -37.06 18.81 -7.77
CA PRO B 107 -37.57 19.48 -8.97
C PRO B 107 -36.53 20.45 -9.47
N GLY B 108 -36.48 20.69 -10.77
CA GLY B 108 -35.42 21.53 -11.32
C GLY B 108 -34.28 20.71 -11.92
N ASN B 109 -34.46 19.40 -11.95
CA ASN B 109 -33.42 18.50 -12.41
C ASN B 109 -33.49 18.16 -13.90
N GLU B 110 -34.50 18.72 -14.55
CA GLU B 110 -34.78 18.49 -15.94
C GLU B 110 -33.61 18.89 -16.85
N GLU B 111 -32.90 19.98 -16.54
CA GLU B 111 -31.80 20.39 -17.42
CA GLU B 111 -31.76 20.45 -17.34
C GLU B 111 -30.66 19.39 -17.34
N ARG B 112 -30.31 18.96 -16.14
CA ARG B 112 -29.22 18.00 -15.92
C ARG B 112 -29.50 16.68 -16.60
N VAL B 113 -30.69 16.19 -16.40
CA VAL B 113 -31.14 15.02 -17.12
C VAL B 113 -30.87 15.19 -18.64
N LYS B 114 -31.19 16.35 -19.20
CA LYS B 114 -31.04 16.54 -20.63
C LYS B 114 -29.58 16.37 -21.03
N ALA B 115 -28.67 16.98 -20.29
CA ALA B 115 -27.27 16.99 -20.72
C ALA B 115 -26.72 15.57 -20.75
N LEU B 116 -27.11 14.82 -19.72
CA LEU B 116 -26.62 13.48 -19.48
C LEU B 116 -27.14 12.58 -20.56
N VAL B 117 -28.40 12.77 -20.91
CA VAL B 117 -28.98 12.05 -22.03
C VAL B 117 -28.28 12.42 -23.33
N GLU B 118 -28.06 13.71 -23.54
CA GLU B 118 -27.39 14.14 -24.75
C GLU B 118 -25.94 13.67 -24.76
N ALA B 119 -25.35 13.42 -23.59
CA ALA B 119 -24.01 12.86 -23.56
C ALA B 119 -23.98 11.32 -23.72
N GLY B 120 -25.12 10.70 -24.03
CA GLY B 120 -25.15 9.28 -24.35
C GLY B 120 -25.17 8.34 -23.15
N VAL B 121 -25.64 8.83 -22.00
CA VAL B 121 -25.71 8.00 -20.79
C VAL B 121 -26.62 6.79 -21.04
N ASP B 122 -26.16 5.58 -20.70
CA ASP B 122 -26.95 4.36 -20.95
C ASP B 122 -28.08 4.20 -19.95
N VAL B 123 -27.85 4.65 -18.73
CA VAL B 123 -28.84 4.47 -17.66
C VAL B 123 -28.87 5.63 -16.67
N LEU B 124 -30.06 6.01 -16.27
CA LEU B 124 -30.20 7.16 -15.38
C LEU B 124 -30.69 6.72 -14.01
N LEU B 125 -29.98 7.16 -12.99
CA LEU B 125 -30.38 6.82 -11.67
C LEU B 125 -31.06 7.99 -11.04
N ILE B 126 -32.34 7.82 -10.69
CA ILE B 126 -32.91 8.80 -9.78
C ILE B 126 -32.79 8.27 -8.35
N ASP B 127 -31.84 8.80 -7.61
CA ASP B 127 -31.53 8.30 -6.30
C ASP B 127 -32.02 9.26 -5.25
N SER B 128 -32.56 8.67 -4.21
CA SER B 128 -33.24 9.39 -3.17
C SER B 128 -33.16 8.43 -2.02
N SER B 129 -33.21 8.93 -0.82
CA SER B 129 -33.33 8.05 0.32
C SER B 129 -34.76 7.54 0.45
N HIS B 130 -35.70 8.08 -0.30
CA HIS B 130 -37.05 7.61 -0.10
C HIS B 130 -37.76 7.47 -1.40
N GLY B 131 -37.58 6.33 -2.03
CA GLY B 131 -38.24 6.08 -3.29
C GLY B 131 -39.75 6.00 -3.18
N HIS B 132 -40.29 5.63 -2.02
CA HIS B 132 -41.75 5.56 -1.83
C HIS B 132 -42.29 6.94 -1.51
N SER B 133 -41.48 7.98 -1.74
CA SER B 133 -41.91 9.39 -1.64
C SER B 133 -42.64 9.87 -2.89
N GLU B 134 -43.80 10.49 -2.71
CA GLU B 134 -44.66 10.86 -3.84
C GLU B 134 -43.91 11.76 -4.82
N GLY B 135 -43.17 12.70 -4.30
CA GLY B 135 -42.30 13.49 -5.11
C GLY B 135 -41.31 12.70 -5.93
N VAL B 136 -40.72 11.64 -5.39
CA VAL B 136 -39.80 10.83 -6.20
C VAL B 136 -40.54 10.07 -7.31
N LEU B 137 -41.69 9.52 -6.96
CA LEU B 137 -42.53 8.85 -7.91
C LEU B 137 -42.91 9.73 -9.09
N GLN B 138 -43.23 11.00 -8.83
CA GLN B 138 -43.65 11.93 -9.88
C GLN B 138 -42.53 12.24 -10.84
N ARG B 139 -41.33 12.47 -10.30
CA ARG B 139 -40.16 12.79 -11.13
C ARG B 139 -39.82 11.59 -12.01
N ILE B 140 -40.13 10.38 -11.55
CA ILE B 140 -39.94 9.20 -12.37
C ILE B 140 -40.98 9.18 -13.49
N ARG B 141 -42.23 9.46 -13.16
CA ARG B 141 -43.27 9.50 -14.18
C ARG B 141 -42.93 10.58 -15.19
N GLU B 142 -42.60 11.74 -14.67
CA GLU B 142 -42.28 12.87 -15.56
C GLU B 142 -41.11 12.47 -16.41
N THR B 143 -40.06 11.89 -15.80
CA THR B 143 -38.89 11.46 -16.59
C THR B 143 -39.25 10.38 -17.64
N ARG B 144 -40.02 9.37 -17.26
CA ARG B 144 -40.39 8.32 -18.21
C ARG B 144 -41.18 8.90 -19.42
N ALA B 145 -42.17 9.75 -19.14
CA ALA B 145 -42.92 10.50 -20.16
C ALA B 145 -42.01 11.30 -21.12
N ALA B 146 -40.98 11.96 -20.60
CA ALA B 146 -40.08 12.76 -21.43
C ALA B 146 -39.11 11.90 -22.22
N TYR B 147 -38.65 10.78 -21.65
CA TYR B 147 -37.64 9.97 -22.32
C TYR B 147 -38.14 8.56 -22.25
N PRO B 148 -39.09 8.19 -23.14
CA PRO B 148 -39.70 6.89 -23.06
C PRO B 148 -38.75 5.70 -23.23
N HIS B 149 -37.60 5.87 -23.85
CA HIS B 149 -36.64 4.75 -24.05
C HIS B 149 -35.45 4.71 -23.09
N LEU B 150 -35.39 5.70 -22.21
CA LEU B 150 -34.33 5.80 -21.25
C LEU B 150 -34.44 4.75 -20.16
N GLU B 151 -33.44 3.87 -20.02
CA GLU B 151 -33.38 3.01 -18.81
C GLU B 151 -33.30 3.91 -17.58
N ILE B 152 -34.29 3.82 -16.70
CA ILE B 152 -34.29 4.55 -15.45
C ILE B 152 -34.22 3.62 -14.21
N ILE B 153 -33.27 3.87 -13.30
CA ILE B 153 -33.24 3.13 -12.00
C ILE B 153 -33.88 4.03 -10.95
N GLY B 154 -34.84 3.47 -10.24
CA GLY B 154 -35.56 4.16 -9.20
C GLY B 154 -35.24 3.49 -7.88
N GLY B 155 -35.25 4.29 -6.83
CA GLY B 155 -35.12 3.78 -5.46
C GLY B 155 -34.64 4.93 -4.60
N ASN B 156 -34.32 4.70 -3.35
CA ASN B 156 -34.22 3.41 -2.75
C ASN B 156 -35.46 3.03 -1.98
N VAL B 157 -35.85 1.76 -2.06
CA VAL B 157 -36.97 1.22 -1.27
C VAL B 157 -36.55 0.01 -0.44
N ALA B 158 -37.39 -0.27 0.53
CA ALA B 158 -37.13 -1.41 1.39
C ALA B 158 -38.28 -2.35 1.58
N THR B 159 -39.29 -2.26 0.71
CA THR B 159 -40.51 -3.07 0.82
C THR B 159 -41.04 -3.56 -0.52
N ALA B 160 -41.89 -4.57 -0.44
CA ALA B 160 -42.76 -4.97 -1.57
C ALA B 160 -43.57 -3.78 -2.15
N GLU B 161 -44.31 -3.06 -1.33
CA GLU B 161 -45.17 -1.97 -1.84
C GLU B 161 -44.37 -0.84 -2.43
N GLY B 162 -43.18 -0.60 -1.90
CA GLY B 162 -42.32 0.43 -2.47
C GLY B 162 -41.73 0.01 -3.80
N ALA B 163 -41.32 -1.25 -3.88
CA ALA B 163 -40.99 -1.89 -5.16
C ALA B 163 -42.11 -1.70 -6.19
N ARG B 164 -43.33 -2.06 -5.78
CA ARG B 164 -44.55 -1.96 -6.63
C ARG B 164 -44.73 -0.53 -7.14
N ALA B 165 -44.68 0.45 -6.22
CA ALA B 165 -44.90 1.86 -6.60
C ALA B 165 -43.90 2.31 -7.65
N LEU B 166 -42.62 1.97 -7.48
CA LEU B 166 -41.60 2.43 -8.43
C LEU B 166 -41.84 1.87 -9.83
N ILE B 167 -42.08 0.56 -9.91
CA ILE B 167 -42.34 -0.13 -11.20
C ILE B 167 -43.59 0.45 -11.94
N GLU B 168 -44.63 0.76 -11.17
CA GLU B 168 -45.86 1.36 -11.62
C GLU B 168 -45.67 2.82 -12.04
N ALA B 169 -44.56 3.44 -11.67
CA ALA B 169 -44.23 4.77 -12.14
C ALA B 169 -43.36 4.73 -13.37
N GLY B 170 -42.83 3.56 -13.73
CA GLY B 170 -42.03 3.42 -14.95
C GLY B 170 -40.54 3.05 -14.83
N VAL B 171 -40.04 2.63 -13.65
CA VAL B 171 -38.60 2.34 -13.53
C VAL B 171 -38.27 1.07 -14.34
N SER B 172 -37.05 1.01 -14.89
CA SER B 172 -36.49 -0.19 -15.47
C SER B 172 -35.76 -1.12 -14.44
N ALA B 173 -35.60 -0.65 -13.19
CA ALA B 173 -34.90 -1.41 -12.11
C ALA B 173 -35.23 -0.75 -10.80
N VAL B 174 -35.38 -1.56 -9.75
CA VAL B 174 -35.67 -1.11 -8.39
C VAL B 174 -34.42 -1.30 -7.53
N LYS B 175 -33.92 -0.19 -6.99
CA LYS B 175 -32.74 -0.23 -6.12
C LYS B 175 -33.16 -0.38 -4.66
N VAL B 176 -32.51 -1.29 -3.93
CA VAL B 176 -32.98 -1.61 -2.61
C VAL B 176 -31.98 -1.30 -1.51
N GLY B 177 -32.45 -0.57 -0.51
CA GLY B 177 -31.66 -0.28 0.68
C GLY B 177 -32.02 0.99 1.41
N ILE B 178 -32.57 0.88 2.62
CA ILE B 178 -32.62 2.01 3.54
C ILE B 178 -31.78 1.86 4.81
N GLY B 179 -30.67 2.60 4.82
CA GLY B 179 -29.75 2.69 5.92
C GLY B 179 -28.70 1.62 6.19
N PRO B 180 -28.56 0.60 5.30
CA PRO B 180 -27.59 -0.43 5.58
C PRO B 180 -26.11 -0.05 5.27
N GLY B 181 -25.89 1.13 4.71
CA GLY B 181 -24.61 1.44 4.21
C GLY B 181 -23.58 1.61 5.28
N SER B 182 -22.32 1.24 4.97
CA SER B 182 -21.21 1.32 5.96
C SER B 182 -21.18 2.67 6.64
N ILE B 183 -21.35 3.71 5.87
CA ILE B 183 -21.31 5.13 6.31
CA ILE B 183 -21.30 5.08 6.41
C ILE B 183 -22.65 5.80 6.60
N CYS B 184 -23.76 5.05 6.46
CA CYS B 184 -25.11 5.57 6.63
CA CYS B 184 -25.10 5.63 6.63
C CYS B 184 -25.49 5.55 8.11
N THR B 185 -26.20 6.57 8.59
CA THR B 185 -26.78 6.55 9.98
C THR B 185 -28.30 6.70 10.05
N THR B 186 -28.94 6.71 8.89
CA THR B 186 -30.39 6.91 8.76
C THR B 186 -31.20 6.08 9.74
N ARG B 187 -30.88 4.80 9.91
CA ARG B 187 -31.65 3.98 10.86
C ARG B 187 -31.53 4.51 12.27
N ILE B 188 -30.40 5.11 12.59
CA ILE B 188 -30.13 5.50 13.95
C ILE B 188 -30.75 6.84 14.23
N VAL B 189 -30.62 7.71 13.27
CA VAL B 189 -31.08 9.11 13.35
C VAL B 189 -32.59 9.24 13.11
N THR B 190 -33.16 8.37 12.28
CA THR B 190 -34.61 8.38 12.08
C THR B 190 -35.34 7.25 12.70
N GLY B 191 -34.64 6.16 12.99
CA GLY B 191 -35.28 4.95 13.53
C GLY B 191 -35.90 4.11 12.41
N VAL B 192 -35.67 4.49 11.15
CA VAL B 192 -36.33 3.82 10.01
C VAL B 192 -35.44 2.98 9.13
N GLY B 193 -35.90 1.78 8.85
CA GLY B 193 -35.35 0.96 7.79
C GLY B 193 -35.65 -0.50 7.95
N VAL B 194 -35.07 -1.30 7.09
CA VAL B 194 -35.31 -2.75 7.02
C VAL B 194 -33.97 -3.45 6.76
N PRO B 195 -33.64 -4.47 7.55
CA PRO B 195 -32.49 -5.32 7.35
C PRO B 195 -32.40 -5.85 5.95
N GLN B 196 -31.21 -5.81 5.40
CA GLN B 196 -31.05 -5.78 3.94
C GLN B 196 -31.48 -7.04 3.16
N ILE B 197 -31.54 -8.20 3.79
CA ILE B 197 -31.90 -9.48 3.13
C ILE B 197 -33.42 -9.58 2.99
N THR B 198 -34.13 -9.31 4.08
CA THR B 198 -35.58 -9.14 4.04
C THR B 198 -36.03 -8.07 3.07
N ALA B 199 -35.37 -6.94 3.05
CA ALA B 199 -35.69 -5.87 2.14
C ALA B 199 -35.54 -6.32 0.65
N ILE B 200 -34.42 -6.95 0.33
CA ILE B 200 -34.23 -7.54 -0.98
C ILE B 200 -35.35 -8.53 -1.32
N ALA B 201 -35.65 -9.47 -0.43
CA ALA B 201 -36.59 -10.54 -0.79
C ALA B 201 -37.97 -9.93 -0.99
N ASP B 202 -38.37 -8.99 -0.14
CA ASP B 202 -39.67 -8.41 -0.25
C ASP B 202 -39.80 -7.63 -1.53
N ALA B 203 -38.75 -6.90 -1.87
CA ALA B 203 -38.82 -6.08 -3.07
C ALA B 203 -38.86 -6.97 -4.29
N ALA B 204 -38.10 -8.06 -4.24
CA ALA B 204 -37.91 -8.95 -5.38
C ALA B 204 -39.17 -9.77 -5.67
N GLY B 205 -39.86 -10.20 -4.62
CA GLY B 205 -41.11 -10.93 -4.79
C GLY B 205 -41.99 -10.23 -5.83
N VAL B 206 -42.04 -8.92 -5.75
CA VAL B 206 -42.91 -8.08 -6.53
C VAL B 206 -42.26 -7.93 -7.90
N ALA B 207 -41.04 -7.39 -7.90
CA ALA B 207 -40.39 -7.07 -9.14
C ALA B 207 -40.21 -8.27 -10.07
N ASN B 208 -40.07 -9.45 -9.48
CA ASN B 208 -39.97 -10.68 -10.23
C ASN B 208 -41.29 -10.85 -11.06
N GLU B 209 -42.46 -10.58 -10.48
CA GLU B 209 -43.75 -10.57 -11.24
CA GLU B 209 -43.68 -10.70 -11.28
C GLU B 209 -43.66 -9.72 -12.50
N TYR B 210 -42.78 -8.73 -12.52
CA TYR B 210 -42.76 -7.83 -13.69
C TYR B 210 -41.52 -8.07 -14.54
N GLY B 211 -40.72 -9.08 -14.24
CA GLY B 211 -39.41 -9.20 -14.88
C GLY B 211 -38.52 -7.97 -14.68
N ILE B 212 -38.76 -7.21 -13.62
CA ILE B 212 -37.92 -6.05 -13.36
C ILE B 212 -36.81 -6.41 -12.38
N PRO B 213 -35.52 -6.19 -12.77
CA PRO B 213 -34.42 -6.55 -11.83
C PRO B 213 -34.31 -5.68 -10.57
N VAL B 214 -33.83 -6.30 -9.48
CA VAL B 214 -33.55 -5.58 -8.23
C VAL B 214 -32.06 -5.45 -7.99
N ILE B 215 -31.67 -4.26 -7.56
CA ILE B 215 -30.28 -3.88 -7.29
C ILE B 215 -30.08 -3.76 -5.79
N ALA B 216 -29.29 -4.65 -5.20
CA ALA B 216 -29.10 -4.59 -3.73
C ALA B 216 -28.02 -3.54 -3.33
N ASP B 217 -28.47 -2.44 -2.76
CA ASP B 217 -27.55 -1.31 -2.51
C ASP B 217 -27.31 -1.12 -1.03
N GLY B 218 -26.10 -1.51 -0.62
CA GLY B 218 -25.54 -1.14 0.65
C GLY B 218 -25.33 -2.32 1.56
N GLY B 219 -24.31 -2.19 2.39
CA GLY B 219 -24.04 -3.14 3.47
C GLY B 219 -23.26 -4.38 3.11
N ILE B 220 -22.72 -4.42 1.87
CA ILE B 220 -21.87 -5.48 1.36
C ILE B 220 -20.43 -5.22 1.86
N ARG B 221 -19.79 -6.26 2.40
CA ARG B 221 -18.46 -6.11 3.04
C ARG B 221 -17.62 -7.26 2.62
N PHE B 222 -18.25 -8.43 2.47
CA PHE B 222 -17.51 -9.62 2.08
C PHE B 222 -18.10 -10.22 0.81
N SER B 223 -17.35 -11.09 0.15
CA SER B 223 -17.86 -11.64 -1.10
C SER B 223 -19.13 -12.52 -0.84
N GLY B 224 -19.17 -13.20 0.30
CA GLY B 224 -20.33 -13.91 0.76
C GLY B 224 -21.58 -13.07 0.79
N ASP B 225 -21.47 -11.78 1.10
CA ASP B 225 -22.62 -10.88 1.09
C ASP B 225 -23.16 -10.73 -0.36
N ILE B 226 -22.27 -10.67 -1.37
CA ILE B 226 -22.73 -10.58 -2.76
C ILE B 226 -23.55 -11.86 -3.05
N SER B 227 -23.00 -13.03 -2.69
CA SER B 227 -23.78 -14.28 -2.87
C SER B 227 -25.13 -14.22 -2.21
N LYS B 228 -25.15 -13.82 -0.93
CA LYS B 228 -26.41 -13.81 -0.23
C LYS B 228 -27.40 -12.83 -0.81
N ALA B 229 -26.92 -11.66 -1.19
CA ALA B 229 -27.81 -10.62 -1.71
C ALA B 229 -28.47 -11.10 -3.02
N ILE B 230 -27.72 -11.82 -3.81
CA ILE B 230 -28.24 -12.35 -5.05
C ILE B 230 -29.18 -13.52 -4.76
N ALA B 231 -28.80 -14.45 -3.88
CA ALA B 231 -29.71 -15.55 -3.55
C ALA B 231 -31.06 -15.07 -2.99
N ALA B 232 -31.08 -13.90 -2.36
CA ALA B 232 -32.28 -13.31 -1.78
C ALA B 232 -33.18 -12.68 -2.83
N GLY B 233 -32.68 -12.45 -4.05
CA GLY B 233 -33.54 -11.91 -5.14
C GLY B 233 -32.87 -10.90 -6.09
N ALA B 234 -31.84 -10.21 -5.62
CA ALA B 234 -31.19 -9.19 -6.43
C ALA B 234 -30.48 -9.77 -7.64
N SER B 235 -30.48 -9.00 -8.70
CA SER B 235 -29.78 -9.36 -9.91
C SER B 235 -28.37 -8.82 -9.92
N CYS B 236 -28.15 -7.79 -9.13
CA CYS B 236 -26.81 -7.38 -8.83
C CYS B 236 -26.74 -6.51 -7.60
N VAL B 237 -25.53 -6.10 -7.24
CA VAL B 237 -25.29 -5.44 -5.97
C VAL B 237 -24.74 -4.08 -6.27
N MET B 238 -24.99 -3.08 -5.44
CA MET B 238 -24.32 -1.79 -5.63
C MET B 238 -23.38 -1.58 -4.45
N VAL B 239 -22.13 -1.14 -4.67
CA VAL B 239 -21.20 -1.03 -3.58
C VAL B 239 -20.50 0.30 -3.52
N GLY B 240 -20.40 0.81 -2.30
CA GLY B 240 -19.64 2.01 -2.07
C GLY B 240 -18.31 1.73 -1.39
N SER B 241 -18.33 1.27 -0.13
CA SER B 241 -17.07 1.15 0.63
C SER B 241 -16.12 0.14 0.01
N MET B 242 -16.67 -0.91 -0.56
CA MET B 242 -15.86 -1.96 -1.16
C MET B 242 -14.95 -1.44 -2.32
N PHE B 243 -15.30 -0.34 -2.99
CA PHE B 243 -14.51 0.23 -4.08
C PHE B 243 -13.87 1.57 -3.67
N ALA B 244 -14.31 2.14 -2.57
CA ALA B 244 -13.65 3.29 -2.05
C ALA B 244 -12.27 2.81 -1.67
N GLY B 245 -11.28 3.68 -1.73
CA GLY B 245 -9.91 3.28 -1.43
C GLY B 245 -9.14 2.63 -2.57
N THR B 246 -9.81 2.30 -3.68
CA THR B 246 -9.11 1.79 -4.85
C THR B 246 -8.44 2.96 -5.50
N GLU B 247 -7.33 2.69 -6.17
CA GLU B 247 -6.61 3.70 -6.97
C GLU B 247 -7.55 4.49 -7.86
N GLU B 248 -8.49 3.79 -8.48
CA GLU B 248 -9.34 4.44 -9.49
C GLU B 248 -10.37 5.41 -8.88
N ALA B 249 -10.65 5.27 -7.58
CA ALA B 249 -11.63 6.09 -6.93
C ALA B 249 -11.13 7.49 -6.83
N PRO B 250 -12.03 8.44 -6.74
CA PRO B 250 -11.50 9.77 -6.61
C PRO B 250 -10.96 10.05 -5.23
N GLY B 251 -10.03 11.00 -5.15
CA GLY B 251 -9.39 11.41 -3.94
C GLY B 251 -7.94 11.01 -3.98
N GLU B 252 -7.14 11.71 -3.20
CA GLU B 252 -5.74 11.37 -3.08
C GLU B 252 -5.51 10.47 -1.85
N VAL B 253 -4.34 9.86 -1.82
CA VAL B 253 -3.97 8.96 -0.77
C VAL B 253 -3.59 9.79 0.43
N ILE B 254 -4.06 9.34 1.59
CA ILE B 254 -3.78 9.94 2.90
C ILE B 254 -2.95 8.91 3.67
N LEU B 255 -1.81 9.34 4.20
CA LEU B 255 -0.99 8.53 5.10
C LEU B 255 -1.42 8.80 6.55
N TYR B 256 -1.78 7.77 7.28
CA TYR B 256 -2.17 7.95 8.65
C TYR B 256 -1.71 6.76 9.45
N GLN B 257 -0.96 7.04 10.51
CA GLN B 257 -0.45 6.05 11.42
C GLN B 257 0.15 4.87 10.69
N GLY B 258 0.95 5.17 9.68
CA GLY B 258 1.75 4.18 9.01
C GLY B 258 1.06 3.35 7.93
N ARG B 259 -0.20 3.66 7.60
CA ARG B 259 -1.01 3.00 6.57
C ARG B 259 -1.47 3.99 5.55
N SER B 260 -2.05 3.51 4.46
CA SER B 260 -2.59 4.39 3.44
C SER B 260 -4.13 4.38 3.45
N TYR B 261 -4.76 5.52 3.17
CA TYR B 261 -6.22 5.61 3.08
C TYR B 261 -6.65 6.54 2.02
N LYS B 262 -7.86 6.35 1.53
CA LYS B 262 -8.61 7.42 0.93
C LYS B 262 -9.84 7.73 1.74
N ALA B 263 -10.30 8.96 1.62
CA ALA B 263 -11.50 9.44 2.23
C ALA B 263 -12.71 8.73 1.62
N TYR B 264 -13.69 8.49 2.48
CA TYR B 264 -14.94 7.86 2.04
C TYR B 264 -15.97 8.49 2.95
N ARG B 265 -17.01 9.06 2.36
CA ARG B 265 -18.08 9.70 3.13
C ARG B 265 -19.44 9.51 2.50
N GLY B 266 -20.45 9.52 3.34
CA GLY B 266 -21.82 9.46 2.88
C GLY B 266 -22.21 10.69 2.10
N MET B 267 -23.12 10.50 1.15
CA MET B 267 -23.66 11.61 0.42
C MET B 267 -24.67 12.44 1.27
N GLY B 268 -25.17 11.88 2.37
CA GLY B 268 -25.90 12.67 3.35
C GLY B 268 -25.06 13.22 4.54
N SER B 269 -23.72 13.24 4.44
CA SER B 269 -22.87 13.86 5.49
C SER B 269 -22.72 15.36 5.26
N LEU B 270 -22.46 16.08 6.34
CA LEU B 270 -22.26 17.55 6.32
C LEU B 270 -21.31 18.03 5.24
N GLY B 271 -20.17 17.37 5.08
CA GLY B 271 -19.22 17.74 4.01
C GLY B 271 -19.88 17.69 2.63
N ALA B 272 -20.52 16.56 2.32
CA ALA B 272 -21.19 16.38 1.03
C ALA B 272 -22.46 17.24 0.82
N MET B 273 -23.28 17.47 1.86
CA MET B 273 -24.43 18.41 1.76
C MET B 273 -24.00 19.83 1.30
N SER B 274 -22.82 20.30 1.73
CA SER B 274 -22.21 21.50 1.19
C SER B 274 -21.11 21.08 0.21
N LEU B 291 -32.95 20.15 8.70
CA LEU B 291 -32.39 19.02 8.01
C LEU B 291 -30.99 18.73 8.57
N VAL B 292 -30.77 17.44 8.75
CA VAL B 292 -29.74 16.91 9.59
C VAL B 292 -29.12 15.82 8.78
N PRO B 293 -27.84 15.56 9.03
CA PRO B 293 -27.12 14.54 8.29
C PRO B 293 -27.53 13.13 8.64
N GLU B 294 -27.29 12.25 7.69
CA GLU B 294 -27.67 10.82 7.81
C GLU B 294 -26.56 9.97 7.27
N GLY B 295 -25.37 10.57 7.30
CA GLY B 295 -24.08 9.87 7.11
C GLY B 295 -22.95 10.64 7.76
N ILE B 296 -21.78 10.03 7.75
CA ILE B 296 -20.62 10.62 8.36
C ILE B 296 -19.48 10.57 7.34
N GLU B 297 -18.31 10.91 7.81
CA GLU B 297 -17.15 10.92 6.96
CA GLU B 297 -17.13 10.95 6.96
C GLU B 297 -16.06 10.04 7.57
N GLY B 298 -15.36 9.31 6.71
CA GLY B 298 -14.38 8.39 7.20
C GLY B 298 -13.25 8.16 6.23
N ARG B 299 -12.45 7.16 6.55
CA ARG B 299 -11.35 6.82 5.66
C ARG B 299 -11.41 5.35 5.45
N ILE B 300 -10.91 4.92 4.33
CA ILE B 300 -10.97 3.54 3.98
C ILE B 300 -9.59 3.25 3.49
N ALA B 301 -9.09 2.10 3.93
CA ALA B 301 -7.82 1.52 3.48
C ALA B 301 -7.67 1.58 1.97
N TYR B 302 -6.47 1.97 1.55
CA TYR B 302 -6.13 1.97 0.14
C TYR B 302 -5.92 0.53 -0.30
N LYS B 303 -6.55 0.15 -1.41
CA LYS B 303 -6.72 -1.25 -1.78
C LYS B 303 -6.06 -1.63 -3.11
N GLY B 304 -5.45 -0.68 -3.79
CA GLY B 304 -4.84 -0.95 -5.09
C GLY B 304 -5.80 -0.83 -6.26
N HIS B 305 -5.52 -1.55 -7.33
CA HIS B 305 -6.32 -1.44 -8.54
C HIS B 305 -7.63 -2.16 -8.37
N LEU B 306 -8.69 -1.52 -8.82
CA LEU B 306 -10.04 -2.06 -8.72
C LEU B 306 -10.14 -3.46 -9.29
N LYS B 307 -9.44 -3.67 -10.39
CA LYS B 307 -9.38 -4.95 -11.10
C LYS B 307 -9.18 -6.05 -10.10
N GLU B 308 -8.16 -5.90 -9.27
CA GLU B 308 -7.79 -6.91 -8.29
CA GLU B 308 -7.79 -6.94 -8.31
C GLU B 308 -8.86 -7.13 -7.22
N ILE B 309 -9.51 -6.06 -6.78
CA ILE B 309 -10.64 -6.21 -5.84
C ILE B 309 -11.74 -7.00 -6.51
N ILE B 310 -12.06 -6.62 -7.74
CA ILE B 310 -13.13 -7.30 -8.44
C ILE B 310 -12.85 -8.79 -8.65
N HIS B 311 -11.61 -9.12 -8.98
CA HIS B 311 -11.17 -10.53 -9.14
CA HIS B 311 -11.28 -10.52 -9.19
C HIS B 311 -11.38 -11.34 -7.87
N GLN B 312 -11.00 -10.77 -6.75
CA GLN B 312 -11.23 -11.41 -5.45
C GLN B 312 -12.72 -11.62 -5.08
N GLN B 313 -13.49 -10.56 -5.29
CA GLN B 313 -14.95 -10.58 -5.01
C GLN B 313 -15.64 -11.63 -5.85
N MET B 314 -15.39 -11.56 -7.14
CA MET B 314 -16.03 -12.50 -8.07
C MET B 314 -15.53 -13.95 -7.88
N GLY B 315 -14.29 -14.12 -7.39
CA GLY B 315 -13.78 -15.46 -7.07
C GLY B 315 -14.60 -16.13 -5.96
N GLY B 316 -15.05 -15.32 -5.03
CA GLY B 316 -15.87 -15.78 -3.98
C GLY B 316 -17.28 -16.09 -4.40
N LEU B 317 -17.79 -15.30 -5.31
CA LEU B 317 -19.07 -15.61 -5.91
C LEU B 317 -18.98 -16.90 -6.80
N ARG B 318 -17.97 -17.05 -7.65
CA ARG B 318 -17.85 -18.27 -8.43
C ARG B 318 -17.73 -19.50 -7.51
N SER B 319 -16.93 -19.45 -6.44
CA SER B 319 -16.87 -20.57 -5.52
C SER B 319 -18.24 -20.91 -4.89
N CYS B 320 -19.02 -19.88 -4.58
CA CYS B 320 -20.37 -20.03 -4.06
C CYS B 320 -21.27 -20.80 -5.06
N MET B 321 -21.26 -20.35 -6.29
CA MET B 321 -22.04 -20.97 -7.36
C MET B 321 -21.69 -22.43 -7.52
N GLY B 322 -20.40 -22.73 -7.50
CA GLY B 322 -19.91 -24.09 -7.47
C GLY B 322 -20.42 -24.89 -6.29
N LEU B 323 -20.55 -24.25 -5.11
CA LEU B 323 -21.05 -24.93 -3.88
C LEU B 323 -22.59 -25.17 -3.87
N THR B 324 -23.33 -24.32 -4.56
CA THR B 324 -24.78 -24.37 -4.64
C THR B 324 -25.35 -25.04 -5.93
N GLY B 325 -24.51 -25.45 -6.84
CA GLY B 325 -25.01 -25.98 -8.14
C GLY B 325 -25.76 -24.91 -8.91
N SER B 326 -25.25 -23.68 -8.80
CA SER B 326 -25.84 -22.55 -9.48
C SER B 326 -24.98 -22.20 -10.69
N ALA B 327 -25.51 -22.47 -11.89
CA ALA B 327 -24.76 -22.36 -13.14
C ALA B 327 -24.69 -20.96 -13.67
N THR B 328 -25.77 -20.23 -13.44
CA THR B 328 -25.92 -18.85 -13.84
C THR B 328 -26.25 -18.09 -12.57
N VAL B 329 -26.17 -16.79 -12.65
CA VAL B 329 -26.70 -15.93 -11.63
C VAL B 329 -28.22 -16.22 -11.34
N GLU B 330 -28.99 -16.50 -12.37
CA GLU B 330 -30.44 -16.67 -12.20
C GLU B 330 -30.81 -17.90 -11.33
N ASP B 331 -30.07 -18.99 -11.47
CA ASP B 331 -30.17 -20.13 -10.62
C ASP B 331 -29.88 -19.82 -9.13
N LEU B 332 -28.90 -18.96 -8.87
CA LEU B 332 -28.55 -18.59 -7.50
C LEU B 332 -29.65 -17.70 -6.97
N ARG B 333 -30.11 -16.79 -7.81
CA ARG B 333 -31.12 -15.81 -7.45
C ARG B 333 -32.49 -16.41 -7.17
N THR B 334 -32.79 -17.61 -7.72
CA THR B 334 -34.16 -18.20 -7.59
C THR B 334 -34.23 -19.62 -7.04
N LYS B 335 -33.12 -20.33 -6.93
CA LYS B 335 -33.23 -21.65 -6.34
C LYS B 335 -32.36 -22.01 -5.12
N ALA B 336 -31.49 -21.10 -4.64
CA ALA B 336 -30.56 -21.45 -3.55
C ALA B 336 -31.26 -21.32 -2.27
N GLN B 337 -30.96 -22.20 -1.31
CA GLN B 337 -31.63 -22.15 -0.03
C GLN B 337 -30.75 -21.57 1.05
N PHE B 338 -31.40 -21.06 2.10
CA PHE B 338 -30.77 -20.42 3.22
C PHE B 338 -31.08 -21.17 4.51
N VAL B 339 -30.20 -21.05 5.47
CA VAL B 339 -30.56 -21.38 6.89
C VAL B 339 -30.41 -20.11 7.72
N ARG B 340 -31.21 -20.01 8.78
CA ARG B 340 -31.05 -18.96 9.78
CA ARG B 340 -31.04 -18.95 9.77
C ARG B 340 -30.01 -19.42 10.79
N ILE B 341 -29.05 -18.54 11.10
CA ILE B 341 -28.02 -18.81 12.14
C ILE B 341 -28.09 -17.87 13.35
N SER B 342 -27.43 -18.23 14.45
CA SER B 342 -27.26 -17.39 15.60
C SER B 342 -25.90 -16.63 15.59
N GLY B 343 -25.72 -15.76 16.59
CA GLY B 343 -24.41 -15.12 16.83
C GLY B 343 -23.32 -16.18 16.97
N ALA B 344 -23.59 -17.29 17.61
CA ALA B 344 -22.62 -18.38 17.62
C ALA B 344 -22.27 -18.99 16.27
N GLY B 345 -23.24 -19.26 15.40
CA GLY B 345 -22.94 -19.69 14.02
C GLY B 345 -22.05 -18.72 13.26
N MET B 346 -22.31 -17.45 13.50
CA MET B 346 -21.55 -16.40 12.91
C MET B 346 -20.14 -16.34 13.43
N LYS B 347 -19.96 -16.47 14.74
CA LYS B 347 -18.64 -16.57 15.31
C LYS B 347 -17.87 -17.75 14.73
N GLU B 348 -18.58 -18.85 14.50
CA GLU B 348 -17.97 -20.06 13.92
C GLU B 348 -17.56 -19.82 12.43
N SER B 349 -18.26 -18.91 11.75
CA SER B 349 -18.06 -18.74 10.31
C SER B 349 -16.75 -17.95 10.02
N HIS B 350 -16.51 -16.95 10.85
CA HIS B 350 -15.24 -16.26 10.82
C HIS B 350 -14.12 -17.17 11.31
N VAL B 351 -12.92 -16.67 11.19
CA VAL B 351 -11.77 -17.27 11.80
C VAL B 351 -12.00 -17.19 13.31
N HIS B 352 -11.58 -18.21 14.07
CA HIS B 352 -11.77 -18.19 15.53
C HIS B 352 -10.71 -19.02 16.21
N ASP B 353 -10.44 -18.66 17.45
CA ASP B 353 -9.44 -19.34 18.24
C ASP B 353 -8.07 -19.50 17.59
N VAL B 354 -7.58 -18.49 16.89
CA VAL B 354 -6.23 -18.56 16.33
C VAL B 354 -5.72 -17.17 15.98
N GLN B 355 -4.44 -16.89 16.21
CA GLN B 355 -3.88 -15.59 15.91
C GLN B 355 -3.48 -15.55 14.46
N ILE B 356 -4.15 -14.68 13.73
CA ILE B 356 -3.88 -14.56 12.32
C ILE B 356 -2.49 -13.93 12.10
N THR B 357 -1.63 -14.53 11.27
CA THR B 357 -0.29 -13.95 10.91
C THR B 357 -0.18 -13.56 9.45
N LYS B 358 -1.01 -14.11 8.59
CA LYS B 358 -1.01 -13.71 7.19
C LYS B 358 -2.42 -13.76 6.72
N GLU B 359 -2.96 -12.58 6.44
CA GLU B 359 -4.30 -12.50 5.93
C GLU B 359 -4.31 -12.63 4.44
N ALA B 360 -5.48 -12.54 3.88
CA ALA B 360 -5.71 -12.96 2.54
C ALA B 360 -6.35 -11.78 1.93
N PRO B 361 -6.14 -11.64 0.64
CA PRO B 361 -6.69 -10.45 0.03
C PRO B 361 -8.24 -10.34 0.07
N ASN B 362 -8.94 -11.45 0.32
CA ASN B 362 -10.41 -11.41 0.52
C ASN B 362 -10.87 -11.53 2.01
N TYR B 363 -9.92 -11.49 2.93
CA TYR B 363 -10.26 -11.60 4.34
C TYR B 363 -9.26 -10.83 5.19
N ARG B 364 -9.61 -9.57 5.45
CA ARG B 364 -8.68 -8.58 6.04
C ARG B 364 -9.26 -7.95 7.26
N LEU B 365 -8.44 -7.65 8.26
CA LEU B 365 -8.79 -6.61 9.22
C LEU B 365 -9.17 -5.28 8.49
P IMP C . 19.81 -1.06 9.67
O1P IMP C . 18.65 -2.03 9.39
O2P IMP C . 19.43 -0.25 10.95
O3P IMP C . 19.96 -0.17 8.38
O5' IMP C . 21.10 -1.92 9.87
C5' IMP C . 21.59 -2.69 8.77
C4' IMP C . 22.93 -3.30 9.25
O4' IMP C . 22.81 -4.21 10.37
C3' IMP C . 23.65 -4.15 8.18
O3' IMP C . 24.21 -3.36 7.16
C2' IMP C . 24.67 -4.96 8.99
O2' IMP C . 25.88 -4.21 9.29
C1' IMP C . 23.93 -5.14 10.30
N9 IMP C . 23.35 -6.47 10.47
N9 IMP C . 23.37 -6.48 10.49
C8 IMP C . 22.61 -7.18 9.59
C8 IMP C . 22.75 -7.28 9.60
N7 IMP C . 22.26 -8.35 10.18
N7 IMP C . 22.39 -8.41 10.23
C5 IMP C . 22.78 -8.35 11.41
C5 IMP C . 22.78 -8.32 11.50
C6 IMP C . 22.75 -9.26 12.46
C6 IMP C . 22.66 -9.15 12.61
O6 IMP C . 22.16 -10.34 12.41
O6 IMP C . 22.12 -10.26 12.55
N1 IMP C . 23.37 -8.94 13.58
N1 IMP C . 23.16 -8.73 13.78
C2 IMP C . 24.02 -7.77 13.73
C2 IMP C . 23.76 -7.53 13.91
N3 IMP C . 24.08 -6.86 12.73
N3 IMP C . 23.88 -6.71 12.85
C4 IMP C . 23.45 -7.16 11.57
C4 IMP C . 23.39 -7.10 11.66
PA NAJ D . 31.18 -14.11 10.07
O1A NAJ D . 30.41 -15.34 10.52
O2A NAJ D . 31.33 -13.77 8.59
O5B NAJ D . 32.61 -14.31 10.83
C5B NAJ D . 33.78 -13.78 10.24
C4B NAJ D . 34.86 -13.55 11.28
O4B NAJ D . 34.47 -12.67 12.35
C3B NAJ D . 35.29 -14.81 12.01
O3B NAJ D . 35.99 -15.78 11.24
C2B NAJ D . 36.16 -14.16 13.07
O2B NAJ D . 37.47 -13.88 12.53
C1B NAJ D . 35.44 -12.84 13.42
N9A NAJ D . 34.95 -12.78 14.86
C8A NAJ D . 35.76 -12.75 15.96
N7A NAJ D . 35.03 -12.68 17.11
C5A NAJ D . 33.72 -12.64 16.71
C6A NAJ D . 32.53 -12.57 17.40
N6A NAJ D . 32.56 -12.51 18.74
N1A NAJ D . 31.34 -12.57 16.76
C2A NAJ D . 31.32 -12.63 15.41
N3A NAJ D . 32.47 -12.67 14.69
C4A NAJ D . 33.67 -12.71 15.31
O3 NAJ D . 30.65 -12.76 10.76
PN NAJ D . 29.36 -12.76 11.71
O1N NAJ D . 29.09 -11.33 12.05
O2N NAJ D . 29.61 -13.78 12.83
O5D NAJ D . 28.15 -13.19 10.70
C5D NAJ D . 26.80 -12.70 10.82
C4D NAJ D . 26.30 -11.68 9.75
O4D NAJ D . 25.44 -10.72 10.36
C3D NAJ D . 27.28 -10.80 8.96
O3D NAJ D . 26.83 -10.77 7.60
C2D NAJ D . 27.21 -9.38 9.50
O2D NAJ D . 26.98 -8.40 8.47
C1D NAJ D . 26.00 -9.40 10.42
N1N NAJ D . 26.34 -8.97 11.78
C2N NAJ D . 26.67 -7.68 11.99
C3N NAJ D . 26.98 -7.21 13.27
C7N NAJ D . 27.30 -5.77 13.54
O7N NAJ D . 27.16 -5.36 14.70
N7N NAJ D . 27.66 -5.01 12.51
C4N NAJ D . 26.94 -8.09 14.36
C5N NAJ D . 26.61 -9.41 14.13
C6N NAJ D . 26.30 -9.82 12.83
K K E . 20.47 -2.59 17.69
P IMP F . -21.77 0.68 1.36
O1P IMP F . -21.53 -0.05 0.12
O2P IMP F . -20.50 1.63 1.71
O3P IMP F . -22.10 -0.18 2.68
O5' IMP F . -23.04 1.57 1.15
C5' IMP F . -23.02 2.50 0.06
C4' IMP F . -24.45 3.06 -0.12
O4' IMP F . -24.90 3.79 1.04
C3' IMP F . -24.75 3.95 -1.34
O3' IMP F . -25.00 3.17 -2.54
C2' IMP F . -26.01 4.69 -0.92
O2' IMP F . -27.19 3.87 -1.09
C1' IMP F . -25.92 4.77 0.56
N9 IMP F . -25.51 6.09 1.07
N9 IMP F . -25.54 6.10 1.10
C8 IMP F . -24.50 6.87 0.63
C8 IMP F . -24.64 6.98 0.62
N7 IMP F . -24.45 7.96 1.41
N7 IMP F . -24.61 8.03 1.45
C5 IMP F . -25.43 7.84 2.33
C5 IMP F . -25.48 7.79 2.45
C6 IMP F . -25.82 8.63 3.40
C6 IMP F . -25.86 8.50 3.58
O6 IMP F . -25.26 9.70 3.66
O6 IMP F . -25.36 9.60 3.84
N1 IMP F . -26.84 8.22 4.16
N1 IMP F . -26.78 7.96 4.41
C2 IMP F . -27.47 7.07 3.92
C2 IMP F . -27.34 6.77 4.16
N3 IMP F . -27.11 6.26 2.90
N3 IMP F . -26.99 6.06 3.07
C4 IMP F . -26.08 6.66 2.11
C4 IMP F . -26.05 6.57 2.22
PA NAJ G . -32.52 14.04 -1.60
O1A NAJ G . -32.10 15.35 -0.96
O2A NAJ G . -31.68 13.49 -2.74
O5B NAJ G . -34.14 14.20 -1.91
C5B NAJ G . -34.91 13.25 -2.68
C4B NAJ G . -36.40 13.14 -2.27
O4B NAJ G . -36.71 12.19 -1.22
C3B NAJ G . -37.10 14.41 -1.77
O3B NAJ G . -37.32 15.37 -2.79
C2B NAJ G . -38.42 13.86 -1.25
O2B NAJ G . -39.43 13.67 -2.25
C1B NAJ G . -38.04 12.48 -0.76
N9A NAJ G . -38.24 12.35 0.72
C8A NAJ G . -39.41 12.36 1.41
N7A NAJ G . -39.18 12.18 2.74
C5A NAJ G . -37.85 12.03 2.87
C6A NAJ G . -37.00 11.82 3.94
N6A NAJ G . -37.44 11.69 5.21
N1A NAJ G . -35.68 11.73 3.71
C2A NAJ G . -35.19 11.84 2.45
N3A NAJ G . -35.96 12.05 1.39
C4A NAJ G . -37.28 12.14 1.59
O3 NAJ G . -32.59 12.85 -0.53
PN NAJ G . -31.32 12.13 0.15
O1N NAJ G . -31.50 10.65 -0.09
O2N NAJ G . -31.21 12.63 1.57
O5D NAJ G . -30.01 12.59 -0.70
C5D NAJ G . -28.69 12.52 -0.12
C4D NAJ G . -27.79 11.42 -0.70
O4D NAJ G . -27.50 10.48 0.32
C3D NAJ G . -28.31 10.58 -1.87
O3D NAJ G . -27.23 10.37 -2.78
C2D NAJ G . -28.79 9.26 -1.27
O2D NAJ G . -28.55 8.12 -2.12
C1D NAJ G . -28.00 9.16 0.03
N1N NAJ G . -28.78 8.63 1.15
C2N NAJ G . -29.11 7.35 1.09
C3N NAJ G . -29.84 6.76 2.13
C7N NAJ G . -30.21 5.30 2.07
O7N NAJ G . -30.53 4.73 3.10
N7N NAJ G . -30.14 4.66 0.91
C4N NAJ G . -30.22 7.54 3.23
C5N NAJ G . -29.85 8.89 3.28
C6N NAJ G . -29.13 9.40 2.21
K K H . -25.47 1.84 8.57
#